data_4OJQ
#
_entry.id   4OJQ
#
_cell.length_a   82.144
_cell.length_b   103.528
_cell.length_c   119.312
_cell.angle_alpha   90.000
_cell.angle_beta   90.000
_cell.angle_gamma   90.000
#
_symmetry.space_group_name_H-M   'P 21 21 21'
#
loop_
_entity.id
_entity.type
_entity.pdbx_description
1 polymer 'Serine protease NS3'
2 non-polymer '(5-bromo-1H-indol-3-yl)acetic acid'
3 non-polymer 'CALCIUM ION'
4 water water
#
_entity_poly.entity_id   1
_entity_poly.type   'polypeptide(L)'
_entity_poly.pdbx_seq_one_letter_code
;MGSSHHHHHHSSGRSPVFTDNSSPPAVPQSFQVAHLHAPTGSGKSTKVPAAYAAQGYKVLVLNPSVAATLGFGAYMSKAH
GVDPNIRTGVRTITTGSPITYSTYGKFLADGGCSGGAYDIIICDECHSTDATSILGIGTVLDQAETAGARLVVLATATPP
GSVTVSHPNIEEVALSTTGEIPFYGKAIPLEVIKGGRHLIFCHSKKKCDELAAKLVALGINAVAYYRGLDVSVIPTNGDV
VVVSTDALMTGFTGDFDSVIDCNTCVTQTVDFSLDPTFTIETTTLPQDAVSRTQRRGRTGRGKPGIYRFVAPGERPSGMF
DSSVLCECYDAGCAWYELMPAETTVRLRAYMNTPGLPVCQDHLEFWEGVFTGLTHIDAHFLSQTKQSGENFPYLVAYQAT
VCARAQAPPPSWDQMWKCLIRLKPTLHGPTPLLYRLGAVQNEVTLTHPITKYIMTCMSADLEVV
;
_entity_poly.pdbx_strand_id   A,B
#
# COMPACT_ATOMS: atom_id res chain seq x y z
N ASP A 20 -6.78 -20.43 -9.99
CA ASP A 20 -6.96 -21.68 -10.73
C ASP A 20 -8.08 -22.56 -10.16
N ASN A 21 -8.00 -22.88 -8.87
CA ASN A 21 -8.84 -23.92 -8.26
C ASN A 21 -9.62 -23.46 -7.02
N SER A 22 -10.88 -23.84 -6.92
CA SER A 22 -11.62 -23.67 -5.67
C SER A 22 -11.78 -25.02 -4.98
N SER A 23 -11.21 -26.05 -5.62
CA SER A 23 -11.20 -27.42 -5.09
C SER A 23 -9.78 -27.99 -5.24
N PRO A 24 -9.44 -29.08 -4.50
CA PRO A 24 -8.07 -29.60 -4.52
C PRO A 24 -7.61 -30.14 -5.88
N PRO A 25 -6.64 -29.47 -6.52
CA PRO A 25 -6.16 -29.85 -7.85
C PRO A 25 -5.58 -31.25 -7.87
N ALA A 26 -5.96 -32.05 -8.87
CA ALA A 26 -5.46 -33.41 -8.97
C ALA A 26 -3.95 -33.37 -9.20
N VAL A 27 -3.25 -34.44 -8.83
CA VAL A 27 -1.83 -34.48 -9.07
C VAL A 27 -1.55 -34.71 -10.56
N PRO A 28 -0.84 -33.77 -11.19
CA PRO A 28 -0.50 -33.89 -12.61
C PRO A 28 0.65 -34.87 -12.83
N GLN A 29 1.07 -35.06 -14.08
CA GLN A 29 2.19 -35.96 -14.40
C GLN A 29 3.51 -35.21 -14.57
N SER A 30 3.42 -33.90 -14.67
CA SER A 30 4.61 -33.03 -14.65
C SER A 30 4.41 -31.91 -13.62
N PHE A 31 5.52 -31.44 -13.06
CA PHE A 31 5.49 -30.43 -12.01
C PHE A 31 4.60 -29.23 -12.33
N GLN A 32 3.65 -28.92 -11.45
CA GLN A 32 2.86 -27.70 -11.60
C GLN A 32 2.73 -26.93 -10.28
N VAL A 33 2.55 -25.61 -10.39
CA VAL A 33 2.18 -24.80 -9.24
C VAL A 33 0.72 -24.39 -9.34
N ALA A 34 -0.09 -24.89 -8.42
CA ALA A 34 -1.51 -24.65 -8.46
C ALA A 34 -1.92 -23.66 -7.37
N HIS A 35 -2.89 -22.80 -7.66
CA HIS A 35 -3.46 -21.91 -6.66
C HIS A 35 -4.76 -22.49 -6.15
N LEU A 36 -4.90 -22.60 -4.83
CA LEU A 36 -6.15 -23.04 -4.20
C LEU A 36 -6.77 -21.92 -3.35
N HIS A 37 -7.90 -21.39 -3.81
CA HIS A 37 -8.58 -20.32 -3.10
C HIS A 37 -9.87 -20.88 -2.52
N ALA A 38 -9.85 -21.20 -1.23
CA ALA A 38 -10.99 -21.85 -0.59
C ALA A 38 -11.26 -21.31 0.80
N PRO A 39 -12.54 -21.34 1.24
CA PRO A 39 -12.83 -21.02 2.64
C PRO A 39 -12.07 -21.97 3.56
N THR A 40 -11.52 -21.45 4.65
CA THR A 40 -10.50 -22.18 5.41
C THR A 40 -11.16 -23.17 6.39
N GLY A 41 -12.47 -23.05 6.60
CA GLY A 41 -13.23 -24.02 7.36
C GLY A 41 -13.31 -25.34 6.62
N SER A 42 -13.08 -25.28 5.31
CA SER A 42 -13.13 -26.44 4.42
C SER A 42 -11.86 -27.30 4.48
N GLY A 43 -11.06 -27.11 5.52
CA GLY A 43 -9.94 -27.99 5.78
C GLY A 43 -8.81 -27.97 4.77
N LYS A 44 -8.31 -26.79 4.43
CA LYS A 44 -7.16 -26.69 3.54
C LYS A 44 -5.96 -27.39 4.16
N SER A 45 -6.01 -27.52 5.47
CA SER A 45 -4.85 -27.94 6.24
C SER A 45 -5.09 -29.31 6.79
N THR A 46 -6.32 -29.79 6.61
CA THR A 46 -6.71 -31.06 7.20
C THR A 46 -7.35 -31.94 6.11
N LYS A 47 -8.46 -31.49 5.55
CA LYS A 47 -9.16 -32.29 4.53
C LYS A 47 -8.32 -32.46 3.25
N VAL A 48 -7.75 -31.37 2.76
CA VAL A 48 -6.93 -31.43 1.55
C VAL A 48 -5.70 -32.35 1.69
N PRO A 49 -4.82 -32.14 2.70
CA PRO A 49 -3.69 -33.10 2.75
C PRO A 49 -4.10 -34.55 2.98
N ALA A 50 -5.22 -34.76 3.68
CA ALA A 50 -5.75 -36.10 3.94
C ALA A 50 -6.21 -36.80 2.64
N ALA A 51 -6.80 -36.03 1.73
CA ALA A 51 -7.23 -36.58 0.45
C ALA A 51 -6.03 -36.97 -0.40
N TYR A 52 -4.97 -36.18 -0.37
CA TYR A 52 -3.77 -36.56 -1.09
C TYR A 52 -3.16 -37.79 -0.47
N ALA A 53 -3.19 -37.88 0.86
CA ALA A 53 -2.58 -39.01 1.56
C ALA A 53 -3.32 -40.30 1.20
N ALA A 54 -4.65 -40.22 1.20
CA ALA A 54 -5.49 -41.36 0.86
C ALA A 54 -5.20 -41.89 -0.54
N GLN A 55 -4.71 -41.03 -1.42
CA GLN A 55 -4.37 -41.42 -2.77
C GLN A 55 -2.98 -42.00 -2.84
N GLY A 56 -2.25 -41.97 -1.72
CA GLY A 56 -0.94 -42.58 -1.70
C GLY A 56 0.25 -41.63 -1.83
N TYR A 57 0.01 -40.33 -1.69
CA TYR A 57 1.08 -39.36 -1.83
C TYR A 57 1.64 -38.94 -0.47
N LYS A 58 2.87 -38.48 -0.47
CA LYS A 58 3.49 -37.92 0.71
C LYS A 58 3.37 -36.40 0.61
N VAL A 59 2.80 -35.79 1.63
CA VAL A 59 2.43 -34.39 1.54
C VAL A 59 3.01 -33.56 2.70
N LEU A 60 3.64 -32.43 2.37
CA LEU A 60 4.12 -31.47 3.36
C LEU A 60 3.15 -30.31 3.45
N VAL A 61 2.80 -29.91 4.68
CA VAL A 61 1.84 -28.81 4.91
C VAL A 61 2.50 -27.71 5.73
N LEU A 62 2.69 -26.55 5.12
CA LEU A 62 3.39 -25.44 5.77
C LEU A 62 2.43 -24.35 6.26
N ASN A 63 2.64 -23.87 7.48
N ASN A 63 2.73 -23.82 7.44
CA ASN A 63 1.86 -22.76 8.03
CA ASN A 63 1.91 -22.76 8.02
C ASN A 63 2.77 -21.73 8.71
C ASN A 63 2.78 -21.73 8.73
N PRO A 64 2.35 -20.45 8.76
CA PRO A 64 3.16 -19.42 9.43
C PRO A 64 3.29 -19.64 10.94
N SER A 65 2.25 -20.11 11.62
CA SER A 65 2.35 -20.16 13.08
C SER A 65 2.58 -21.56 13.65
N VAL A 66 3.36 -21.56 14.73
CA VAL A 66 3.63 -22.76 15.52
C VAL A 66 2.37 -23.38 16.08
N ALA A 67 1.48 -22.54 16.60
CA ALA A 67 0.26 -23.01 17.23
C ALA A 67 -0.62 -23.75 16.24
N ALA A 68 -0.78 -23.16 15.06
CA ALA A 68 -1.57 -23.77 14.00
C ALA A 68 -1.02 -25.14 13.65
N THR A 69 0.29 -25.21 13.44
CA THR A 69 0.94 -26.47 13.05
C THR A 69 0.68 -27.58 14.06
N LEU A 70 0.88 -27.27 15.34
CA LEU A 70 0.59 -28.25 16.40
C LEU A 70 -0.91 -28.52 16.46
N GLY A 71 -1.70 -27.48 16.19
CA GLY A 71 -3.14 -27.57 16.24
C GLY A 71 -3.78 -28.47 15.19
N PHE A 72 -3.08 -28.60 14.06
CA PHE A 72 -3.50 -29.53 13.01
C PHE A 72 -3.09 -30.95 13.38
N GLY A 73 -1.86 -31.10 13.84
CA GLY A 73 -1.38 -32.40 14.27
C GLY A 73 -2.34 -33.03 15.25
N ALA A 74 -2.72 -32.28 16.28
CA ALA A 74 -3.61 -32.75 17.31
C ALA A 74 -4.94 -33.23 16.73
N TYR A 75 -5.58 -32.35 15.97
CA TYR A 75 -6.88 -32.64 15.34
C TYR A 75 -6.83 -33.92 14.49
N MET A 76 -5.73 -34.14 13.77
CA MET A 76 -5.60 -35.34 12.93
C MET A 76 -5.44 -36.62 13.77
N SER A 77 -4.85 -36.49 14.96
CA SER A 77 -4.67 -37.63 15.85
C SER A 77 -5.96 -37.96 16.59
N LYS A 78 -6.70 -36.91 16.97
CA LYS A 78 -7.93 -37.05 17.76
C LYS A 78 -9.18 -37.35 16.94
N ALA A 79 -9.36 -36.66 15.81
CA ALA A 79 -10.58 -36.80 15.02
C ALA A 79 -10.50 -37.91 13.96
N HIS A 80 -9.31 -38.39 13.65
CA HIS A 80 -9.14 -39.33 12.55
C HIS A 80 -8.08 -40.40 12.84
N GLY A 81 -7.43 -40.30 14.00
CA GLY A 81 -6.44 -41.27 14.39
C GLY A 81 -5.23 -41.33 13.46
N VAL A 82 -4.91 -40.20 12.85
CA VAL A 82 -3.73 -40.09 12.02
C VAL A 82 -2.68 -39.26 12.74
N ASP A 83 -1.51 -39.85 12.98
CA ASP A 83 -0.49 -39.13 13.72
C ASP A 83 0.57 -38.60 12.76
N PRO A 84 0.44 -37.33 12.35
CA PRO A 84 1.34 -36.78 11.33
C PRO A 84 2.70 -36.49 11.90
N ASN A 85 3.71 -36.39 11.04
CA ASN A 85 4.94 -35.78 11.48
C ASN A 85 4.65 -34.32 11.81
N ILE A 86 5.21 -33.84 12.92
CA ILE A 86 5.12 -32.43 13.28
C ILE A 86 6.53 -31.85 13.29
N ARG A 87 6.73 -30.69 12.66
CA ARG A 87 8.05 -30.08 12.66
C ARG A 87 7.93 -28.59 12.96
N THR A 88 8.37 -28.22 14.16
CA THR A 88 8.42 -26.83 14.58
C THR A 88 9.77 -26.61 15.24
N GLY A 89 10.11 -25.34 15.48
CA GLY A 89 11.30 -25.02 16.24
C GLY A 89 11.31 -25.64 17.63
N VAL A 90 10.20 -25.51 18.34
CA VAL A 90 10.16 -25.95 19.73
C VAL A 90 10.03 -27.47 19.86
N ARG A 91 9.34 -28.11 18.92
CA ARG A 91 9.14 -29.56 19.03
C ARG A 91 9.07 -30.23 17.65
N THR A 92 9.60 -31.44 17.58
CA THR A 92 9.65 -32.21 16.34
C THR A 92 9.27 -33.66 16.61
N ILE A 93 8.17 -34.09 16.00
CA ILE A 93 7.68 -35.46 16.13
C ILE A 93 7.75 -36.17 14.77
N THR A 94 8.34 -37.35 14.73
CA THR A 94 8.42 -38.13 13.48
C THR A 94 7.74 -39.50 13.60
N THR A 95 6.61 -39.67 12.91
CA THR A 95 5.87 -40.93 12.97
C THR A 95 6.02 -41.79 11.71
N GLY A 96 6.31 -41.15 10.58
CA GLY A 96 6.46 -41.87 9.33
C GLY A 96 5.20 -41.74 8.48
N SER A 97 4.19 -41.07 9.02
CA SER A 97 2.94 -40.77 8.31
C SER A 97 3.22 -40.08 6.98
N PRO A 98 2.36 -40.27 5.97
CA PRO A 98 2.65 -39.57 4.72
C PRO A 98 2.32 -38.10 4.86
N ILE A 99 1.74 -37.70 5.99
CA ILE A 99 1.40 -36.29 6.21
C ILE A 99 2.39 -35.64 7.16
N THR A 100 3.05 -34.57 6.70
CA THR A 100 3.96 -33.78 7.54
C THR A 100 3.47 -32.34 7.72
N TYR A 101 3.28 -31.92 8.98
CA TYR A 101 2.96 -30.51 9.29
C TYR A 101 4.17 -29.75 9.79
N SER A 102 4.47 -28.61 9.17
CA SER A 102 5.65 -27.83 9.55
C SER A 102 5.37 -26.35 9.48
N THR A 103 6.17 -25.57 10.19
CA THR A 103 6.16 -24.12 10.02
C THR A 103 7.12 -23.78 8.89
N TYR A 104 6.92 -22.63 8.25
CA TYR A 104 7.85 -22.12 7.24
C TYR A 104 9.25 -21.97 7.84
N GLY A 105 9.32 -21.40 9.03
CA GLY A 105 10.59 -21.24 9.74
C GLY A 105 11.32 -22.54 9.98
N LYS A 106 10.62 -23.55 10.49
CA LYS A 106 11.25 -24.85 10.69
C LYS A 106 11.64 -25.45 9.34
N PHE A 107 10.78 -25.29 8.33
CA PHE A 107 11.11 -25.71 6.98
C PHE A 107 12.39 -25.03 6.50
N LEU A 108 12.52 -23.73 6.78
CA LEU A 108 13.71 -22.98 6.38
C LEU A 108 14.97 -23.46 7.10
N ALA A 109 14.84 -23.73 8.41
CA ALA A 109 15.97 -24.20 9.23
C ALA A 109 16.36 -25.62 8.86
N ASP A 110 15.37 -26.43 8.50
CA ASP A 110 15.64 -27.78 7.97
C ASP A 110 16.44 -27.75 6.66
N GLY A 111 16.71 -26.55 6.13
CA GLY A 111 17.48 -26.39 4.91
C GLY A 111 16.61 -26.32 3.65
N GLY A 112 15.31 -26.38 3.86
CA GLY A 112 14.35 -26.33 2.76
C GLY A 112 13.93 -27.70 2.25
N CYS A 113 13.80 -27.81 0.92
CA CYS A 113 13.26 -29.02 0.31
C CYS A 113 14.25 -30.20 0.35
N SER A 114 13.93 -31.21 1.18
CA SER A 114 14.72 -32.43 1.25
C SER A 114 14.44 -33.31 0.04
N GLY A 115 15.50 -33.68 -0.69
CA GLY A 115 15.36 -34.55 -1.85
C GLY A 115 14.47 -35.77 -1.63
N GLY A 116 13.51 -35.96 -2.53
CA GLY A 116 12.65 -37.13 -2.53
C GLY A 116 11.63 -37.23 -1.42
N ALA A 117 11.55 -36.23 -0.55
CA ALA A 117 10.75 -36.38 0.64
C ALA A 117 9.26 -36.31 0.32
N TYR A 118 8.87 -35.36 -0.52
CA TYR A 118 7.46 -35.04 -0.68
C TYR A 118 7.02 -35.03 -2.14
N ASP A 119 5.83 -35.56 -2.39
CA ASP A 119 5.24 -35.46 -3.71
C ASP A 119 4.50 -34.13 -3.85
N ILE A 120 3.88 -33.69 -2.76
CA ILE A 120 3.06 -32.49 -2.75
C ILE A 120 3.43 -31.57 -1.59
N ILE A 121 3.63 -30.30 -1.90
CA ILE A 121 3.84 -29.32 -0.86
C ILE A 121 2.71 -28.30 -0.82
N ILE A 122 2.01 -28.23 0.29
CA ILE A 122 0.98 -27.21 0.43
C ILE A 122 1.52 -26.00 1.21
N CYS A 123 1.53 -24.83 0.57
CA CYS A 123 1.86 -23.58 1.25
C CYS A 123 0.57 -22.98 1.70
N ASP A 124 0.18 -23.33 2.92
CA ASP A 124 -1.05 -22.84 3.51
C ASP A 124 -0.87 -21.36 3.93
N GLU A 125 -1.97 -20.62 4.00
CA GLU A 125 -1.94 -19.18 4.27
C GLU A 125 -0.91 -18.45 3.40
N CYS A 126 -0.87 -18.77 2.10
CA CYS A 126 0.10 -18.19 1.18
C CYS A 126 -0.07 -16.68 0.98
N HIS A 127 -1.16 -16.11 1.52
CA HIS A 127 -1.32 -14.66 1.61
C HIS A 127 -0.43 -14.00 2.69
N SER A 128 0.16 -14.79 3.60
CA SER A 128 0.94 -14.22 4.72
C SER A 128 2.12 -13.41 4.21
N THR A 129 2.32 -12.21 4.77
CA THR A 129 3.45 -11.40 4.36
C THR A 129 4.43 -11.11 5.47
N ASP A 130 4.51 -11.96 6.48
CA ASP A 130 5.70 -11.90 7.34
C ASP A 130 6.89 -12.58 6.61
N ALA A 131 8.09 -12.15 6.98
CA ALA A 131 9.31 -12.47 6.25
C ALA A 131 9.52 -13.96 6.09
N THR A 132 9.26 -14.70 7.17
CA THR A 132 9.42 -16.16 7.19
C THR A 132 8.53 -16.85 6.15
N SER A 133 7.31 -16.36 5.99
CA SER A 133 6.39 -16.94 5.03
C SER A 133 6.82 -16.68 3.60
N ILE A 134 7.26 -15.46 3.34
CA ILE A 134 7.67 -15.08 2.00
C ILE A 134 8.96 -15.85 1.62
N LEU A 135 9.92 -15.92 2.53
CA LEU A 135 11.19 -16.60 2.26
C LEU A 135 10.96 -18.10 2.14
N GLY A 136 10.05 -18.61 2.97
CA GLY A 136 9.66 -20.02 2.92
C GLY A 136 8.94 -20.42 1.64
N ILE A 137 8.01 -19.61 1.17
CA ILE A 137 7.29 -19.92 -0.06
C ILE A 137 8.24 -19.74 -1.25
N GLY A 138 9.04 -18.68 -1.23
CA GLY A 138 10.04 -18.45 -2.26
C GLY A 138 10.96 -19.64 -2.44
N THR A 139 11.30 -20.27 -1.32
CA THR A 139 12.16 -21.43 -1.26
C THR A 139 11.47 -22.67 -1.83
N VAL A 140 10.21 -22.87 -1.47
CA VAL A 140 9.44 -23.97 -2.05
C VAL A 140 9.38 -23.85 -3.59
N LEU A 141 9.05 -22.66 -4.09
CA LEU A 141 8.93 -22.42 -5.53
C LEU A 141 10.28 -22.53 -6.27
N ASP A 142 11.38 -22.29 -5.56
CA ASP A 142 12.71 -22.43 -6.17
C ASP A 142 13.18 -23.89 -6.21
N GLN A 143 12.76 -24.68 -5.23
CA GLN A 143 13.38 -25.98 -4.98
C GLN A 143 12.50 -27.21 -5.19
N ALA A 144 11.18 -27.03 -5.20
CA ALA A 144 10.29 -28.17 -5.10
C ALA A 144 10.42 -29.12 -6.30
N GLU A 145 10.53 -28.57 -7.49
CA GLU A 145 10.62 -29.42 -8.69
C GLU A 145 11.91 -30.27 -8.65
N THR A 146 13.05 -29.60 -8.52
CA THR A 146 14.34 -30.28 -8.35
C THR A 146 14.35 -31.33 -7.23
N ALA A 147 13.55 -31.13 -6.16
CA ALA A 147 13.53 -32.10 -5.07
C ALA A 147 12.54 -33.26 -5.30
N GLY A 148 11.87 -33.29 -6.44
CA GLY A 148 11.03 -34.43 -6.75
C GLY A 148 9.56 -34.23 -6.46
N ALA A 149 9.18 -33.05 -6.01
CA ALA A 149 7.75 -32.79 -5.78
C ALA A 149 7.09 -32.69 -7.15
N ARG A 150 5.86 -33.17 -7.26
CA ARG A 150 5.13 -33.08 -8.51
C ARG A 150 4.17 -31.91 -8.52
N LEU A 151 3.97 -31.30 -7.35
CA LEU A 151 2.88 -30.35 -7.21
C LEU A 151 3.02 -29.45 -5.97
N VAL A 152 3.04 -28.15 -6.19
CA VAL A 152 3.00 -27.18 -5.12
C VAL A 152 1.61 -26.57 -5.12
N VAL A 153 0.98 -26.49 -3.96
CA VAL A 153 -0.33 -25.82 -3.86
C VAL A 153 -0.22 -24.55 -3.01
N LEU A 154 -0.53 -23.40 -3.59
CA LEU A 154 -0.52 -22.13 -2.88
C LEU A 154 -1.92 -21.85 -2.40
N ALA A 155 -2.17 -22.18 -1.12
CA ALA A 155 -3.53 -22.18 -0.54
C ALA A 155 -3.80 -20.99 0.35
N THR A 156 -4.83 -20.22 0.02
CA THR A 156 -5.32 -19.17 0.91
C THR A 156 -6.85 -18.97 0.80
N ALA A 157 -7.45 -18.37 1.82
CA ALA A 157 -8.85 -17.97 1.70
C ALA A 157 -8.97 -16.56 1.12
N THR A 158 -7.87 -15.82 1.10
CA THR A 158 -7.92 -14.42 0.67
C THR A 158 -6.78 -14.09 -0.27
N PRO A 159 -6.98 -14.37 -1.57
CA PRO A 159 -5.97 -14.09 -2.60
C PRO A 159 -5.77 -12.58 -2.77
N PRO A 160 -4.67 -12.16 -3.45
CA PRO A 160 -4.41 -10.74 -3.68
C PRO A 160 -5.63 -10.02 -4.27
N GLY A 161 -5.91 -8.81 -3.82
CA GLY A 161 -7.07 -8.08 -4.27
C GLY A 161 -8.39 -8.37 -3.54
N SER A 162 -8.34 -9.24 -2.55
CA SER A 162 -9.55 -9.61 -1.80
C SER A 162 -10.05 -8.49 -0.90
N VAL A 163 -11.38 -8.36 -0.85
CA VAL A 163 -12.05 -7.43 0.04
C VAL A 163 -12.93 -8.25 0.96
N THR A 164 -13.39 -7.65 2.06
CA THR A 164 -14.24 -8.43 2.96
C THR A 164 -15.63 -8.55 2.36
N VAL A 165 -16.23 -9.72 2.52
CA VAL A 165 -17.60 -9.95 2.09
C VAL A 165 -18.51 -10.00 3.31
N SER A 166 -19.81 -9.82 3.09
CA SER A 166 -20.79 -9.93 4.17
C SER A 166 -20.78 -11.30 4.84
N HIS A 167 -21.21 -11.32 6.10
CA HIS A 167 -21.33 -12.55 6.88
C HIS A 167 -22.77 -12.66 7.39
N PRO A 168 -23.44 -13.79 7.08
CA PRO A 168 -24.84 -14.01 7.50
C PRO A 168 -25.09 -13.84 9.00
N ASN A 169 -24.27 -14.47 9.83
CA ASN A 169 -24.45 -14.36 11.28
C ASN A 169 -23.63 -13.25 11.92
N ILE A 170 -23.31 -12.22 11.15
CA ILE A 170 -22.75 -10.98 11.68
C ILE A 170 -23.39 -9.78 10.94
N GLU A 171 -24.11 -8.96 11.69
CA GLU A 171 -24.67 -7.74 11.13
C GLU A 171 -23.72 -6.59 11.42
N GLU A 172 -23.50 -5.76 10.42
CA GLU A 172 -22.49 -4.73 10.54
C GLU A 172 -23.19 -3.40 10.62
N VAL A 173 -22.83 -2.60 11.63
CA VAL A 173 -23.46 -1.30 11.77
C VAL A 173 -22.43 -0.21 11.99
N ALA A 174 -22.49 0.80 11.12
CA ALA A 174 -21.64 1.99 11.24
C ALA A 174 -21.83 2.70 12.58
N LEU A 175 -20.73 3.08 13.23
CA LEU A 175 -20.81 4.01 14.35
C LEU A 175 -21.11 5.40 13.85
N SER A 176 -21.94 6.14 14.58
CA SER A 176 -22.14 7.55 14.29
C SER A 176 -21.30 8.37 15.26
N THR A 177 -21.40 9.69 15.18
CA THR A 177 -20.65 10.56 16.08
C THR A 177 -21.40 10.78 17.40
N THR A 178 -22.64 10.30 17.46
CA THR A 178 -23.45 10.40 18.68
C THR A 178 -23.12 9.24 19.61
N GLY A 179 -22.77 9.56 20.85
CA GLY A 179 -22.44 8.54 21.84
C GLY A 179 -21.51 9.10 22.87
N GLU A 180 -21.34 8.35 23.97
CA GLU A 180 -20.70 8.86 25.18
C GLU A 180 -19.21 8.57 25.24
N ILE A 181 -18.72 7.74 24.33
CA ILE A 181 -17.30 7.44 24.29
C ILE A 181 -16.64 7.89 22.98
N PRO A 182 -15.62 8.77 23.10
CA PRO A 182 -14.85 9.20 21.93
C PRO A 182 -14.03 8.02 21.38
N PHE A 183 -14.18 7.73 20.10
CA PHE A 183 -13.50 6.57 19.52
C PHE A 183 -13.04 6.85 18.08
N TYR A 184 -11.77 7.22 17.91
CA TYR A 184 -11.19 7.46 16.58
C TYR A 184 -12.07 8.39 15.74
N GLY A 185 -12.56 9.47 16.36
CA GLY A 185 -13.34 10.48 15.67
C GLY A 185 -14.84 10.18 15.60
N LYS A 186 -15.23 9.05 16.15
CA LYS A 186 -16.64 8.74 16.25
C LYS A 186 -16.98 8.39 17.70
N ALA A 187 -18.19 7.83 17.89
CA ALA A 187 -18.66 7.59 19.24
C ALA A 187 -19.33 6.22 19.44
N ILE A 188 -18.97 5.61 20.56
CA ILE A 188 -19.65 4.42 21.04
C ILE A 188 -20.77 4.76 22.05
N PRO A 189 -22.03 4.53 21.67
CA PRO A 189 -23.15 4.71 22.60
C PRO A 189 -22.98 3.77 23.80
N LEU A 190 -23.04 4.30 25.01
CA LEU A 190 -22.74 3.55 26.24
C LEU A 190 -23.43 2.19 26.35
N GLU A 191 -24.63 2.09 25.81
CA GLU A 191 -25.40 0.85 25.83
C GLU A 191 -24.62 -0.37 25.34
N VAL A 192 -24.27 -0.34 24.05
CA VAL A 192 -23.84 -1.55 23.35
C VAL A 192 -22.60 -2.21 23.96
N ILE A 193 -21.91 -1.50 24.86
CA ILE A 193 -20.85 -2.14 25.62
C ILE A 193 -21.30 -2.46 27.06
N LYS A 194 -22.62 -2.50 27.27
CA LYS A 194 -23.15 -3.02 28.53
C LYS A 194 -23.99 -4.27 28.25
N GLY A 195 -23.89 -4.80 27.03
CA GLY A 195 -24.48 -6.07 26.69
C GLY A 195 -23.81 -7.19 27.45
N GLY A 196 -22.53 -6.99 27.79
CA GLY A 196 -21.79 -7.94 28.60
C GLY A 196 -20.59 -8.55 27.90
N ARG A 197 -20.67 -8.68 26.58
CA ARG A 197 -19.76 -9.55 25.85
C ARG A 197 -19.10 -8.88 24.61
N HIS A 198 -17.92 -8.27 24.80
CA HIS A 198 -17.38 -7.33 23.80
C HIS A 198 -15.87 -7.24 23.64
N LEU A 199 -15.44 -7.19 22.37
CA LEU A 199 -14.04 -6.96 22.04
C LEU A 199 -13.89 -5.67 21.23
N ILE A 200 -12.92 -4.84 21.62
CA ILE A 200 -12.71 -3.56 20.96
C ILE A 200 -11.24 -3.43 20.54
N PHE A 201 -11.01 -3.11 19.27
CA PHE A 201 -9.63 -3.07 18.76
C PHE A 201 -9.06 -1.65 18.62
N CYS A 202 -7.94 -1.41 19.26
CA CYS A 202 -7.22 -0.16 19.14
C CYS A 202 -5.85 -0.37 18.50
N HIS A 203 -5.35 0.63 17.78
CA HIS A 203 -4.15 0.45 16.95
C HIS A 203 -2.88 0.28 17.77
N SER A 204 -2.83 0.93 18.93
CA SER A 204 -1.64 0.90 19.76
C SER A 204 -1.94 0.44 21.19
N LYS A 205 -0.87 0.24 21.93
CA LYS A 205 -0.93 -0.10 23.33
C LYS A 205 -1.37 1.10 24.14
N LYS A 206 -0.70 2.22 23.91
CA LYS A 206 -0.87 3.43 24.69
C LYS A 206 -2.34 3.75 24.81
N LYS A 207 -3.09 3.50 23.76
CA LYS A 207 -4.49 3.88 23.83
C LYS A 207 -5.39 2.66 24.10
N CYS A 208 -4.78 1.57 24.57
CA CYS A 208 -5.56 0.46 25.06
C CYS A 208 -5.81 0.67 26.56
N ASP A 209 -4.79 1.15 27.26
CA ASP A 209 -4.97 1.59 28.64
C ASP A 209 -5.96 2.75 28.67
N GLU A 210 -5.54 3.86 28.07
CA GLU A 210 -6.34 5.08 28.03
C GLU A 210 -7.80 4.81 27.69
N LEU A 211 -8.06 3.86 26.80
CA LEU A 211 -9.44 3.55 26.46
C LEU A 211 -10.13 2.71 27.54
N ALA A 212 -9.40 1.73 28.07
CA ALA A 212 -9.93 0.91 29.16
C ALA A 212 -10.18 1.80 30.37
N ALA A 213 -9.09 2.39 30.86
CA ALA A 213 -9.10 3.30 32.01
C ALA A 213 -10.14 4.41 31.91
N LYS A 214 -10.52 4.77 30.68
CA LYS A 214 -11.59 5.75 30.49
C LYS A 214 -12.94 5.10 30.74
N LEU A 215 -12.91 3.86 31.26
CA LEU A 215 -14.13 3.23 31.75
C LEU A 215 -13.93 2.04 32.71
N VAL A 216 -12.68 1.77 33.15
CA VAL A 216 -12.50 0.99 34.39
C VAL A 216 -12.67 1.96 35.55
N ALA A 217 -12.38 3.23 35.29
CA ALA A 217 -12.73 4.32 36.19
C ALA A 217 -14.23 4.60 36.11
N LEU A 218 -14.83 4.41 34.91
CA LEU A 218 -16.28 4.49 34.75
C LEU A 218 -16.96 3.18 35.16
N GLY A 219 -16.15 2.19 35.53
CA GLY A 219 -16.64 0.98 36.16
C GLY A 219 -17.14 -0.18 35.28
N ILE A 220 -17.14 0.01 33.95
CA ILE A 220 -17.73 -0.97 33.02
C ILE A 220 -16.95 -2.30 33.02
N ASN A 221 -15.74 -2.26 33.58
CA ASN A 221 -14.89 -3.44 33.74
C ASN A 221 -14.25 -3.82 32.39
N ALA A 222 -12.95 -3.57 32.28
CA ALA A 222 -12.25 -3.68 31.01
C ALA A 222 -10.77 -3.93 31.24
N VAL A 223 -10.15 -4.67 30.34
CA VAL A 223 -8.74 -5.04 30.50
C VAL A 223 -8.03 -4.98 29.13
N ALA A 224 -6.75 -4.63 29.15
CA ALA A 224 -6.04 -4.28 27.91
C ALA A 224 -4.94 -5.28 27.56
N TYR A 225 -4.96 -5.77 26.32
CA TYR A 225 -4.08 -6.88 25.93
C TYR A 225 -3.07 -6.50 24.84
N TYR A 226 -1.85 -7.02 24.97
CA TYR A 226 -0.73 -6.66 24.09
C TYR A 226 0.56 -7.40 24.47
N LEU A 229 1.82 -9.48 26.51
CA LEU A 229 1.78 -9.83 27.94
C LEU A 229 1.12 -11.20 28.14
N ASP A 230 -0.04 -11.26 28.78
CA ASP A 230 -0.70 -12.56 28.96
C ASP A 230 -2.19 -12.41 29.26
N VAL A 231 -2.90 -13.54 29.33
CA VAL A 231 -4.36 -13.58 29.19
C VAL A 231 -5.12 -13.67 30.51
N SER A 232 -6.30 -13.05 30.51
CA SER A 232 -6.84 -12.40 31.68
C SER A 232 -8.35 -12.21 31.59
N VAL A 233 -9.05 -13.14 30.94
CA VAL A 233 -10.42 -12.82 30.52
C VAL A 233 -11.51 -13.88 30.76
N ILE A 234 -12.63 -13.42 31.33
CA ILE A 234 -14.02 -13.84 31.02
C ILE A 234 -14.46 -15.32 31.24
N PRO A 235 -15.75 -15.52 31.60
CA PRO A 235 -16.46 -16.79 31.46
C PRO A 235 -16.00 -17.60 30.25
N ASP A 239 -20.80 -8.21 31.63
CA ASP A 239 -19.73 -9.13 32.00
C ASP A 239 -18.35 -8.53 31.79
N VAL A 240 -17.94 -8.39 30.52
CA VAL A 240 -16.62 -7.81 30.23
C VAL A 240 -16.55 -7.10 28.87
N VAL A 241 -15.64 -6.15 28.78
CA VAL A 241 -15.30 -5.48 27.54
C VAL A 241 -13.79 -5.48 27.42
N VAL A 242 -13.28 -6.19 26.42
CA VAL A 242 -11.85 -6.24 26.22
C VAL A 242 -11.43 -5.23 25.16
N VAL A 243 -10.37 -4.47 25.42
CA VAL A 243 -9.81 -3.64 24.37
C VAL A 243 -8.35 -4.06 24.22
N SER A 244 -7.96 -4.34 22.98
CA SER A 244 -6.70 -5.00 22.71
C SER A 244 -6.14 -4.63 21.35
N THR A 245 -4.82 -4.74 21.21
CA THR A 245 -4.22 -4.67 19.88
C THR A 245 -4.49 -5.99 19.15
N ASP A 246 -3.78 -6.20 18.05
CA ASP A 246 -3.86 -7.45 17.30
C ASP A 246 -3.05 -8.58 17.97
N ALA A 247 -2.50 -8.34 19.16
CA ALA A 247 -1.62 -9.32 19.80
C ALA A 247 -2.41 -10.47 20.41
N LEU A 248 -3.68 -10.23 20.69
CA LEU A 248 -4.66 -11.30 20.88
C LEU A 248 -4.80 -12.01 19.53
N MET A 249 -5.14 -13.29 19.51
CA MET A 249 -5.44 -13.90 18.21
C MET A 249 -6.67 -14.83 18.13
N THR A 250 -6.94 -15.24 16.90
CA THR A 250 -8.26 -15.69 16.41
C THR A 250 -9.07 -16.67 17.28
N GLY A 251 -8.42 -17.39 18.18
CA GLY A 251 -9.12 -18.37 18.99
C GLY A 251 -9.64 -17.86 20.31
N PHE A 252 -9.29 -18.59 21.37
CA PHE A 252 -9.66 -18.30 22.74
C PHE A 252 -11.18 -18.27 22.93
N THR A 253 -11.70 -17.27 23.62
CA THR A 253 -13.13 -17.23 23.90
C THR A 253 -13.95 -16.64 22.77
N GLY A 254 -14.17 -17.44 21.73
CA GLY A 254 -14.91 -17.01 20.56
C GLY A 254 -16.30 -16.44 20.80
N ASP A 255 -16.76 -16.52 22.05
CA ASP A 255 -18.03 -15.93 22.42
C ASP A 255 -17.82 -14.44 22.72
N PHE A 256 -18.13 -13.63 21.71
CA PHE A 256 -18.36 -12.20 21.84
C PHE A 256 -19.64 -11.94 21.07
N ASP A 257 -20.43 -10.95 21.49
CA ASP A 257 -21.64 -10.71 20.73
C ASP A 257 -21.39 -9.57 19.75
N SER A 258 -20.53 -8.63 20.12
CA SER A 258 -20.13 -7.63 19.14
C SER A 258 -18.62 -7.40 19.15
N VAL A 259 -18.12 -6.93 18.00
CA VAL A 259 -16.78 -6.39 17.91
C VAL A 259 -16.85 -4.91 17.55
N ILE A 260 -15.98 -4.13 18.16
CA ILE A 260 -15.84 -2.73 17.79
C ILE A 260 -14.40 -2.49 17.26
N ASP A 261 -14.32 -1.99 16.03
CA ASP A 261 -13.04 -1.94 15.29
C ASP A 261 -12.67 -0.50 14.90
N CYS A 262 -11.55 0.00 15.42
CA CYS A 262 -11.00 1.27 14.95
C CYS A 262 -10.60 1.28 13.44
N ASN A 263 -10.56 0.10 12.83
CA ASN A 263 -10.20 -0.12 11.42
C ASN A 263 -8.84 0.44 10.96
N THR A 264 -7.89 0.57 11.88
CA THR A 264 -6.53 0.90 11.47
C THR A 264 -5.51 -0.04 12.13
N CYS A 265 -4.31 -0.08 11.56
N CYS A 265 -4.32 -0.10 11.53
CA CYS A 265 -3.25 -0.97 12.04
CA CYS A 265 -3.24 -0.97 11.99
C CYS A 265 -1.88 -0.32 11.95
C CYS A 265 -1.88 -0.28 11.98
N VAL A 266 -0.97 -0.75 12.82
CA VAL A 266 0.40 -0.28 12.81
C VAL A 266 1.24 -1.25 11.97
N THR A 267 1.89 -0.75 10.91
CA THR A 267 2.72 -1.61 10.06
C THR A 267 4.12 -1.09 9.95
N GLN A 268 5.03 -1.99 9.64
CA GLN A 268 6.43 -1.61 9.48
C GLN A 268 6.68 -1.18 8.04
N THR A 269 7.48 -0.16 7.86
CA THR A 269 7.73 0.43 6.55
C THR A 269 9.20 0.86 6.53
N VAL A 270 9.80 0.95 5.35
CA VAL A 270 11.14 1.50 5.25
C VAL A 270 11.05 2.87 4.59
N ASP A 271 11.78 3.82 5.14
CA ASP A 271 11.95 5.10 4.47
C ASP A 271 13.41 5.25 4.02
N PHE A 272 13.58 5.55 2.73
CA PHE A 272 14.90 5.83 2.23
C PHE A 272 15.20 7.29 2.48
N SER A 273 15.57 7.55 3.73
CA SER A 273 15.60 8.91 4.26
C SER A 273 16.90 9.66 4.01
N LEU A 274 17.91 8.94 3.52
CA LEU A 274 19.16 9.56 3.10
C LEU A 274 19.81 10.33 4.24
N ASP A 275 19.66 9.82 5.45
CA ASP A 275 20.15 10.50 6.64
C ASP A 275 20.93 9.60 7.61
N PRO A 276 21.94 8.87 7.12
CA PRO A 276 22.55 8.85 5.79
C PRO A 276 21.86 7.92 4.80
N THR A 277 21.15 6.90 5.28
CA THR A 277 20.72 5.84 4.37
C THR A 277 19.23 5.52 4.38
N PHE A 278 18.81 4.60 5.24
CA PHE A 278 17.40 4.25 5.33
C PHE A 278 16.97 4.18 6.79
N THR A 279 15.67 4.21 6.99
CA THR A 279 15.06 4.07 8.33
C THR A 279 14.00 2.99 8.33
N ILE A 280 14.06 2.12 9.33
CA ILE A 280 12.94 1.25 9.57
C ILE A 280 12.05 1.96 10.58
N GLU A 281 10.78 2.17 10.24
CA GLU A 281 9.86 2.87 11.13
C GLU A 281 8.49 2.25 11.01
N THR A 282 7.55 2.80 11.75
CA THR A 282 6.18 2.30 11.78
C THR A 282 5.22 3.37 11.34
N THR A 283 4.22 2.96 10.56
CA THR A 283 3.17 3.83 10.07
C THR A 283 1.81 3.28 10.47
N THR A 284 0.86 4.17 10.72
CA THR A 284 -0.51 3.77 11.00
C THR A 284 -1.33 3.90 9.73
N LEU A 285 -1.93 2.80 9.30
CA LEU A 285 -2.62 2.74 8.02
C LEU A 285 -4.06 2.28 8.19
N PRO A 286 -4.92 2.55 7.19
CA PRO A 286 -6.22 1.86 7.15
C PRO A 286 -5.97 0.34 7.11
N GLN A 287 -6.77 -0.44 7.84
CA GLN A 287 -6.58 -1.89 7.89
C GLN A 287 -6.82 -2.49 6.51
N ASP A 288 -6.21 -3.62 6.20
CA ASP A 288 -6.60 -4.28 4.96
C ASP A 288 -7.68 -5.34 5.25
N ALA A 289 -8.11 -6.03 4.19
CA ALA A 289 -9.23 -6.95 4.29
C ALA A 289 -8.93 -8.15 5.19
N VAL A 290 -7.69 -8.62 5.16
CA VAL A 290 -7.28 -9.70 6.03
C VAL A 290 -7.51 -9.31 7.48
N SER A 291 -6.94 -8.17 7.88
CA SER A 291 -7.20 -7.56 9.18
C SER A 291 -8.67 -7.39 9.52
N ARG A 292 -9.45 -6.83 8.60
CA ARG A 292 -10.85 -6.55 8.89
C ARG A 292 -11.68 -7.83 9.06
N THR A 293 -11.44 -8.82 8.22
CA THR A 293 -12.21 -10.06 8.27
C THR A 293 -11.95 -10.79 9.59
N GLN A 294 -10.68 -10.78 9.97
CA GLN A 294 -10.22 -11.43 11.18
C GLN A 294 -10.76 -10.77 12.47
N ARG A 295 -10.66 -9.44 12.58
CA ARG A 295 -11.22 -8.75 13.76
C ARG A 295 -12.73 -8.97 13.83
N ARG A 296 -13.42 -8.79 12.71
CA ARG A 296 -14.84 -9.04 12.65
C ARG A 296 -15.19 -10.50 12.95
N GLY A 297 -14.24 -11.40 12.66
CA GLY A 297 -14.47 -12.83 12.79
C GLY A 297 -14.57 -13.36 14.20
N ARG A 298 -14.25 -12.53 15.19
CA ARG A 298 -14.30 -12.97 16.58
C ARG A 298 -15.67 -12.73 17.21
N THR A 299 -16.69 -12.62 16.36
CA THR A 299 -18.07 -12.68 16.81
C THR A 299 -18.86 -13.44 15.76
N GLY A 300 -20.10 -13.79 16.05
CA GLY A 300 -20.95 -14.45 15.08
C GLY A 300 -20.55 -15.89 14.86
N ARG A 301 -19.82 -16.43 15.84
CA ARG A 301 -19.39 -17.82 15.85
C ARG A 301 -20.52 -18.72 16.35
N GLY A 302 -21.42 -19.10 15.43
CA GLY A 302 -22.62 -19.81 15.82
C GLY A 302 -23.74 -18.86 16.19
N LYS A 303 -23.51 -18.08 17.24
CA LYS A 303 -24.46 -17.04 17.64
C LYS A 303 -24.60 -15.97 16.56
N PRO A 304 -25.67 -15.17 16.65
CA PRO A 304 -25.64 -13.93 15.87
C PRO A 304 -24.69 -12.91 16.51
N GLY A 305 -24.03 -12.12 15.67
CA GLY A 305 -23.09 -11.11 16.15
C GLY A 305 -23.24 -9.76 15.47
N ILE A 306 -22.74 -8.73 16.13
CA ILE A 306 -22.79 -7.38 15.57
C ILE A 306 -21.37 -6.80 15.40
N TYR A 307 -21.10 -6.22 14.24
CA TYR A 307 -19.80 -5.56 13.98
C TYR A 307 -19.98 -4.05 13.90
N ARG A 308 -19.32 -3.32 14.79
CA ARG A 308 -19.40 -1.86 14.74
C ARG A 308 -18.05 -1.21 14.34
N PHE A 309 -18.09 -0.32 13.35
CA PHE A 309 -16.87 0.26 12.79
C PHE A 309 -16.81 1.78 12.65
N VAL A 310 -15.60 2.31 12.81
CA VAL A 310 -15.26 3.71 12.57
C VAL A 310 -15.35 4.09 11.10
N ALA A 311 -14.91 3.19 10.22
CA ALA A 311 -14.80 3.45 8.78
C ALA A 311 -15.27 2.26 7.93
N PRO A 312 -16.04 2.53 6.86
CA PRO A 312 -16.61 1.50 6.00
C PRO A 312 -15.60 0.87 5.03
N GLY A 313 -14.53 1.58 4.70
CA GLY A 313 -13.58 1.08 3.74
C GLY A 313 -12.36 0.32 4.26
N GLU A 314 -11.60 -0.22 3.33
CA GLU A 314 -10.45 -1.02 3.66
C GLU A 314 -9.53 -1.18 2.45
N ARG A 315 -8.23 -1.23 2.68
CA ARG A 315 -7.31 -1.57 1.60
C ARG A 315 -7.55 -3.01 1.17
N PRO A 316 -7.64 -3.26 -0.14
CA PRO A 316 -7.60 -4.67 -0.56
C PRO A 316 -6.33 -5.35 -0.05
N SER A 317 -6.34 -6.67 0.07
CA SER A 317 -5.14 -7.40 0.48
C SER A 317 -4.18 -7.57 -0.71
N GLY A 318 -2.91 -7.87 -0.45
CA GLY A 318 -2.00 -8.29 -1.51
C GLY A 318 -0.75 -7.47 -1.74
N MET A 319 -0.49 -6.47 -0.90
N MET A 319 -0.50 -6.54 -0.83
CA MET A 319 0.75 -5.69 -1.01
CA MET A 319 0.69 -5.72 -0.90
C MET A 319 1.51 -5.79 0.31
C MET A 319 1.53 -5.94 0.35
N PHE A 320 2.84 -5.80 0.23
CA PHE A 320 3.66 -5.74 1.43
C PHE A 320 4.85 -4.83 1.18
N ASP A 321 5.50 -4.45 2.28
CA ASP A 321 6.47 -3.37 2.25
C ASP A 321 7.89 -3.91 2.06
N SER A 322 8.75 -3.06 1.50
CA SER A 322 10.11 -3.43 1.17
C SER A 322 10.90 -3.73 2.43
N SER A 323 10.46 -3.19 3.57
CA SER A 323 11.13 -3.50 4.82
C SER A 323 11.04 -5.00 5.16
N VAL A 324 9.99 -5.67 4.66
CA VAL A 324 9.88 -7.12 4.82
C VAL A 324 10.94 -7.88 4.00
N LEU A 325 11.34 -7.34 2.85
CA LEU A 325 12.44 -7.94 2.07
C LEU A 325 13.74 -7.84 2.88
N CYS A 326 13.99 -6.65 3.43
CA CYS A 326 15.11 -6.48 4.37
C CYS A 326 15.14 -7.58 5.44
N GLU A 327 13.99 -7.83 6.08
CA GLU A 327 13.88 -8.88 7.09
C GLU A 327 14.28 -10.28 6.55
N CYS A 328 13.80 -10.64 5.35
CA CYS A 328 14.16 -11.93 4.75
C CYS A 328 15.68 -12.08 4.66
N TYR A 329 16.36 -11.02 4.19
CA TYR A 329 17.80 -11.05 4.10
C TYR A 329 18.45 -11.10 5.46
N ASP A 330 17.86 -10.39 6.42
CA ASP A 330 18.33 -10.43 7.80
C ASP A 330 18.22 -11.85 8.35
N ALA A 331 17.09 -12.51 8.12
CA ALA A 331 16.92 -13.86 8.63
C ALA A 331 17.78 -14.89 7.83
N GLY A 332 17.91 -14.67 6.54
CA GLY A 332 18.85 -15.44 5.75
C GLY A 332 20.22 -15.47 6.42
N CYS A 333 20.76 -14.29 6.74
CA CYS A 333 22.11 -14.19 7.31
C CYS A 333 22.18 -14.60 8.79
N ALA A 334 21.10 -14.36 9.54
CA ALA A 334 21.10 -14.61 10.98
C ALA A 334 20.72 -16.05 11.34
N TRP A 335 19.74 -16.60 10.64
CA TRP A 335 19.16 -17.86 11.09
C TRP A 335 19.38 -19.05 10.17
N TYR A 336 19.51 -18.81 8.86
CA TYR A 336 19.41 -19.92 7.93
C TYR A 336 20.67 -20.11 7.13
N GLU A 337 21.75 -19.45 7.54
CA GLU A 337 23.03 -19.57 6.88
C GLU A 337 22.96 -19.33 5.36
N LEU A 338 22.15 -18.38 4.92
CA LEU A 338 22.07 -18.08 3.49
C LEU A 338 22.90 -16.87 3.12
N MET A 339 23.81 -17.01 2.16
CA MET A 339 24.43 -15.84 1.58
C MET A 339 23.30 -15.06 0.90
N PRO A 340 23.43 -13.72 0.87
CA PRO A 340 22.41 -12.86 0.27
C PRO A 340 22.01 -13.27 -1.16
N ALA A 341 22.96 -13.74 -1.96
CA ALA A 341 22.69 -14.14 -3.33
C ALA A 341 21.75 -15.33 -3.38
N GLU A 342 21.83 -16.20 -2.37
CA GLU A 342 20.96 -17.38 -2.29
C GLU A 342 19.54 -16.99 -1.86
N THR A 343 19.46 -16.07 -0.89
CA THR A 343 18.17 -15.51 -0.49
C THR A 343 17.52 -14.82 -1.69
N THR A 344 18.33 -14.13 -2.48
CA THR A 344 17.79 -13.47 -3.67
C THR A 344 17.15 -14.44 -4.64
N VAL A 345 17.76 -15.61 -4.79
CA VAL A 345 17.23 -16.62 -5.70
C VAL A 345 15.87 -17.13 -5.21
N ARG A 346 15.78 -17.42 -3.92
CA ARG A 346 14.51 -17.81 -3.33
C ARG A 346 13.42 -16.72 -3.48
N LEU A 347 13.74 -15.47 -3.14
CA LEU A 347 12.79 -14.36 -3.26
C LEU A 347 12.39 -14.01 -4.70
N ARG A 348 13.36 -14.11 -5.61
CA ARG A 348 13.13 -13.93 -7.04
C ARG A 348 12.07 -14.90 -7.55
N ALA A 349 12.20 -16.18 -7.19
CA ALA A 349 11.15 -17.16 -7.49
C ALA A 349 9.77 -16.77 -6.93
N TYR A 350 9.77 -16.09 -5.77
CA TYR A 350 8.50 -15.65 -5.19
C TYR A 350 7.94 -14.56 -6.07
N MET A 351 8.77 -13.56 -6.33
CA MET A 351 8.36 -12.41 -7.13
C MET A 351 7.97 -12.75 -8.56
N ASN A 352 8.56 -13.80 -9.15
CA ASN A 352 8.17 -14.20 -10.50
C ASN A 352 6.89 -15.02 -10.56
N THR A 353 6.41 -15.49 -9.42
CA THR A 353 5.22 -16.37 -9.38
C THR A 353 3.95 -15.52 -9.30
N PRO A 354 3.00 -15.75 -10.21
CA PRO A 354 1.75 -14.96 -10.28
C PRO A 354 0.76 -15.26 -9.15
N GLY A 355 -0.10 -14.30 -8.80
CA GLY A 355 -1.15 -14.53 -7.81
C GLY A 355 -0.67 -14.59 -6.38
N LEU A 356 0.42 -13.88 -6.10
CA LEU A 356 0.98 -13.77 -4.75
C LEU A 356 1.03 -12.30 -4.41
N PRO A 357 1.13 -11.96 -3.11
CA PRO A 357 1.23 -10.55 -2.71
C PRO A 357 2.40 -9.86 -3.39
N VAL A 358 2.28 -8.57 -3.68
CA VAL A 358 3.36 -7.93 -4.39
C VAL A 358 4.05 -6.88 -3.55
N CYS A 359 5.28 -6.56 -3.94
N CYS A 359 5.25 -6.53 -3.98
CA CYS A 359 6.04 -5.51 -3.28
CA CYS A 359 6.09 -5.58 -3.28
C CYS A 359 7.00 -4.86 -4.28
C CYS A 359 7.03 -4.88 -4.27
N GLN A 360 7.63 -3.77 -3.86
CA GLN A 360 8.64 -3.12 -4.66
C GLN A 360 9.78 -4.10 -4.90
N ASP A 361 10.29 -4.12 -6.13
CA ASP A 361 11.41 -4.99 -6.47
C ASP A 361 12.71 -4.40 -5.95
N HIS A 362 13.05 -4.70 -4.71
CA HIS A 362 14.24 -4.14 -4.10
C HIS A 362 15.26 -5.21 -3.79
N LEU A 363 15.15 -6.35 -4.47
CA LEU A 363 16.05 -7.45 -4.20
C LEU A 363 17.50 -7.05 -4.38
N GLU A 364 17.81 -6.27 -5.40
CA GLU A 364 19.20 -5.95 -5.71
C GLU A 364 19.74 -5.10 -4.59
N PHE A 365 18.96 -4.08 -4.22
CA PHE A 365 19.37 -3.19 -3.15
C PHE A 365 19.69 -3.95 -1.84
N TRP A 366 18.80 -4.83 -1.40
CA TRP A 366 18.98 -5.49 -0.09
C TRP A 366 20.05 -6.58 -0.16
N GLU A 367 20.09 -7.33 -1.26
CA GLU A 367 21.22 -8.23 -1.46
C GLU A 367 22.50 -7.41 -1.40
N GLY A 368 22.52 -6.29 -2.12
CA GLY A 368 23.58 -5.32 -2.00
C GLY A 368 24.00 -4.92 -0.59
N VAL A 369 23.07 -4.42 0.26
CA VAL A 369 23.53 -3.93 1.56
C VAL A 369 24.04 -5.08 2.41
N PHE A 370 23.32 -6.19 2.47
CA PHE A 370 23.74 -7.26 3.37
C PHE A 370 25.09 -7.88 2.92
N THR A 371 25.39 -7.85 1.63
CA THR A 371 26.62 -8.45 1.12
C THR A 371 27.85 -7.64 1.58
N GLY A 372 27.66 -6.34 1.76
CA GLY A 372 28.71 -5.48 2.26
C GLY A 372 28.96 -5.63 3.75
N LEU A 373 28.09 -6.33 4.45
CA LEU A 373 28.19 -6.37 5.91
C LEU A 373 29.05 -7.54 6.36
N THR A 374 30.36 -7.35 6.35
CA THR A 374 31.31 -8.44 6.61
C THR A 374 31.88 -8.45 8.02
N HIS A 375 32.19 -9.66 8.48
CA HIS A 375 32.86 -9.86 9.77
C HIS A 375 32.04 -9.28 10.90
N ILE A 376 30.80 -9.75 11.01
CA ILE A 376 29.96 -9.41 12.13
C ILE A 376 30.53 -10.09 13.36
N ASP A 377 30.35 -9.46 14.52
CA ASP A 377 30.73 -10.08 15.79
C ASP A 377 29.80 -11.22 16.15
N ALA A 378 30.28 -12.46 16.12
CA ALA A 378 29.45 -13.64 16.36
C ALA A 378 28.78 -13.61 17.72
N HIS A 379 29.46 -13.04 18.69
CA HIS A 379 28.89 -12.99 20.03
C HIS A 379 27.73 -12.01 20.04
N PHE A 380 27.88 -10.86 19.39
CA PHE A 380 26.80 -9.88 19.30
C PHE A 380 25.59 -10.46 18.57
N LEU A 381 25.85 -11.13 17.43
CA LEU A 381 24.78 -11.71 16.63
C LEU A 381 24.04 -12.75 17.44
N SER A 382 24.81 -13.56 18.17
CA SER A 382 24.23 -14.51 19.12
C SER A 382 23.86 -13.84 20.44
N GLN A 383 23.58 -12.55 20.42
CA GLN A 383 22.93 -11.91 21.57
C GLN A 383 21.65 -11.29 21.04
N THR A 384 21.73 -10.67 19.86
CA THR A 384 20.54 -10.07 19.27
C THR A 384 19.53 -11.15 18.84
N LYS A 385 20.03 -12.31 18.42
CA LYS A 385 19.13 -13.42 18.05
C LYS A 385 18.24 -13.88 19.23
N GLN A 386 18.85 -14.11 20.39
CA GLN A 386 18.12 -14.54 21.59
C GLN A 386 17.16 -13.48 22.09
N SER A 387 17.57 -12.22 21.95
CA SER A 387 16.80 -11.08 22.42
C SER A 387 15.47 -10.96 21.72
N GLY A 388 15.36 -11.52 20.52
CA GLY A 388 14.14 -11.40 19.73
C GLY A 388 13.98 -10.05 19.05
N GLU A 389 15.08 -9.33 18.85
CA GLU A 389 15.05 -8.10 18.07
C GLU A 389 14.55 -8.41 16.66
N ASN A 390 13.97 -7.43 15.99
CA ASN A 390 13.39 -7.69 14.67
C ASN A 390 14.42 -7.90 13.57
N PHE A 391 15.53 -7.17 13.67
CA PHE A 391 16.64 -7.26 12.70
C PHE A 391 17.93 -7.61 13.43
N PRO A 392 18.05 -8.85 13.93
CA PRO A 392 19.21 -9.20 14.74
C PRO A 392 20.52 -8.98 13.99
N TYR A 393 20.58 -9.34 12.72
CA TYR A 393 21.81 -9.11 11.95
C TYR A 393 22.15 -7.62 11.83
N LEU A 394 21.23 -6.79 11.34
CA LEU A 394 21.48 -5.34 11.26
C LEU A 394 21.87 -4.78 12.62
N VAL A 395 21.18 -5.18 13.69
CA VAL A 395 21.50 -4.65 15.02
C VAL A 395 22.90 -5.03 15.48
N ALA A 396 23.19 -6.33 15.44
CA ALA A 396 24.51 -6.85 15.80
C ALA A 396 25.61 -6.23 14.94
N TYR A 397 25.30 -5.97 13.66
CA TYR A 397 26.31 -5.36 12.82
C TYR A 397 26.58 -3.88 13.14
N GLN A 398 25.54 -3.10 13.45
CA GLN A 398 25.78 -1.70 13.85
C GLN A 398 26.61 -1.72 15.13
N ALA A 399 26.26 -2.61 16.04
CA ALA A 399 27.00 -2.73 17.29
C ALA A 399 28.44 -3.15 17.00
N THR A 400 28.61 -4.03 16.01
CA THR A 400 29.96 -4.42 15.59
C THR A 400 30.76 -3.21 15.15
N VAL A 401 30.22 -2.36 14.27
CA VAL A 401 31.06 -1.25 13.83
C VAL A 401 31.25 -0.20 14.94
N CYS A 402 30.29 -0.13 15.86
CA CYS A 402 30.42 0.75 17.03
C CYS A 402 31.57 0.32 17.94
N ALA A 403 31.61 -0.95 18.29
CA ALA A 403 32.67 -1.49 19.14
C ALA A 403 34.05 -1.28 18.51
N ARG A 404 34.15 -1.54 17.21
CA ARG A 404 35.46 -1.48 16.57
C ARG A 404 35.94 -0.04 16.33
N ALA A 405 35.02 0.91 16.28
CA ALA A 405 35.38 2.32 16.22
C ALA A 405 35.45 2.91 17.64
N GLN A 406 35.18 2.06 18.62
CA GLN A 406 35.10 2.44 20.03
C GLN A 406 34.12 3.60 20.18
N ALA A 407 33.05 3.56 19.41
CA ALA A 407 32.00 4.56 19.48
C ALA A 407 30.78 4.00 20.23
N PRO A 408 29.91 4.88 20.73
CA PRO A 408 28.68 4.39 21.36
C PRO A 408 27.66 3.95 20.32
N PRO A 409 26.71 3.08 20.69
CA PRO A 409 25.55 2.74 19.88
C PRO A 409 24.71 3.98 19.62
N PRO A 410 23.72 3.88 18.71
CA PRO A 410 22.98 5.09 18.38
C PRO A 410 22.08 5.59 19.53
N SER A 411 21.81 4.74 20.52
CA SER A 411 21.05 5.11 21.71
C SER A 411 21.24 4.02 22.74
N TRP A 412 20.70 4.19 23.95
CA TRP A 412 20.92 3.15 24.97
C TRP A 412 19.62 2.45 25.28
N ASP A 413 18.70 2.55 24.31
CA ASP A 413 17.56 1.66 24.18
C ASP A 413 17.97 0.17 24.30
N GLN A 414 17.03 -0.66 24.72
CA GLN A 414 17.27 -2.08 24.98
C GLN A 414 17.84 -2.88 23.79
N MET A 415 17.57 -2.40 22.57
CA MET A 415 18.09 -3.01 21.33
C MET A 415 19.61 -3.14 21.33
N TRP A 416 20.28 -2.19 21.98
CA TRP A 416 21.73 -2.14 21.98
C TRP A 416 22.40 -2.71 23.22
N LYS A 417 21.74 -3.64 23.92
CA LYS A 417 22.24 -4.12 25.20
C LYS A 417 23.52 -4.96 25.06
N CYS A 418 23.78 -5.51 23.87
CA CYS A 418 24.95 -6.36 23.68
C CYS A 418 26.24 -5.59 23.93
N LEU A 419 26.13 -4.27 23.91
CA LEU A 419 27.25 -3.36 24.11
C LEU A 419 27.41 -2.82 25.55
N ILE A 420 26.68 -3.33 26.53
CA ILE A 420 26.78 -2.78 27.90
C ILE A 420 28.22 -2.92 28.42
N ARG A 421 28.87 -1.76 28.54
CA ARG A 421 30.32 -1.60 28.43
C ARG A 421 30.48 -0.16 27.86
N LEU A 422 29.61 0.74 28.33
CA LEU A 422 29.60 2.15 27.94
C LEU A 422 31.05 2.65 27.90
N LYS A 423 31.74 2.24 28.97
CA LYS A 423 32.93 2.90 29.50
C LYS A 423 34.05 3.15 28.49
N PRO A 424 34.49 2.11 27.76
CA PRO A 424 35.55 2.45 26.81
C PRO A 424 35.00 3.12 25.57
N THR A 425 33.82 2.68 25.13
CA THR A 425 33.33 3.06 23.81
C THR A 425 32.59 4.36 23.80
N LEU A 426 32.65 5.15 24.87
CA LEU A 426 31.83 6.34 24.83
C LEU A 426 32.54 7.40 24.00
N HIS A 427 33.69 7.05 23.44
CA HIS A 427 34.40 8.00 22.59
C HIS A 427 33.55 8.43 21.39
N GLY A 428 32.70 9.43 21.64
CA GLY A 428 32.25 10.34 20.60
C GLY A 428 31.08 9.96 19.72
N PRO A 429 31.09 10.48 18.49
CA PRO A 429 30.04 10.29 17.48
C PRO A 429 29.83 8.81 17.10
N THR A 430 28.58 8.41 16.96
CA THR A 430 28.21 7.10 16.44
C THR A 430 28.38 7.03 14.93
N PRO A 431 29.07 5.98 14.44
CA PRO A 431 29.21 5.77 13.00
C PRO A 431 27.94 5.10 12.47
N LEU A 432 27.04 5.89 11.89
CA LEU A 432 25.65 5.48 11.72
C LEU A 432 25.43 4.85 10.36
N LEU A 433 25.08 3.57 10.36
CA LEU A 433 24.93 2.81 9.13
C LEU A 433 23.56 3.00 8.51
N TYR A 434 22.58 3.20 9.40
CA TYR A 434 21.16 3.17 9.10
C TYR A 434 20.36 3.43 10.40
N ARG A 435 19.06 3.73 10.30
CA ARG A 435 18.26 4.01 11.52
C ARG A 435 17.21 2.92 11.83
N LEU A 436 17.36 2.26 12.97
CA LEU A 436 16.51 1.13 13.33
C LEU A 436 15.52 1.53 14.43
N GLY A 437 15.66 2.76 14.89
CA GLY A 437 14.83 3.30 15.94
C GLY A 437 15.27 4.73 16.13
N ALA A 438 15.01 5.28 17.30
CA ALA A 438 15.38 6.66 17.58
C ALA A 438 16.88 6.77 17.80
N VAL A 439 17.48 7.82 17.23
CA VAL A 439 18.90 8.09 17.41
C VAL A 439 19.12 9.24 18.42
N GLN A 440 19.78 8.91 19.53
CA GLN A 440 20.02 9.87 20.59
C GLN A 440 21.43 10.49 20.58
N ASN A 441 22.46 9.67 20.38
CA ASN A 441 23.83 10.19 20.36
C ASN A 441 24.02 11.05 19.11
N GLU A 442 25.05 11.91 19.12
CA GLU A 442 25.47 12.56 17.89
C GLU A 442 26.03 11.50 16.95
N VAL A 443 25.98 11.77 15.65
CA VAL A 443 26.39 10.77 14.68
C VAL A 443 27.49 11.29 13.76
N THR A 444 28.19 10.34 13.13
CA THR A 444 29.08 10.63 12.02
C THR A 444 28.61 9.81 10.82
N LEU A 445 28.63 10.41 9.64
CA LEU A 445 28.03 9.77 8.48
C LEU A 445 29.06 9.31 7.43
N THR A 446 30.30 9.10 7.85
CA THR A 446 31.42 8.95 6.93
C THR A 446 32.07 7.56 6.94
N HIS A 447 31.50 6.62 7.69
CA HIS A 447 32.02 5.25 7.76
C HIS A 447 31.91 4.57 6.40
N PRO A 448 32.95 3.80 6.00
CA PRO A 448 32.94 3.18 4.66
C PRO A 448 31.70 2.30 4.45
N ILE A 449 31.26 1.62 5.50
CA ILE A 449 30.02 0.85 5.34
C ILE A 449 28.80 1.75 5.09
N THR A 450 28.75 2.92 5.71
CA THR A 450 27.67 3.88 5.43
C THR A 450 27.75 4.34 3.96
N LYS A 451 28.95 4.76 3.55
CA LYS A 451 29.17 5.18 2.17
C LYS A 451 28.81 4.05 1.19
N TYR A 452 29.09 2.81 1.58
CA TYR A 452 28.76 1.62 0.77
C TYR A 452 27.25 1.48 0.57
N ILE A 453 26.49 1.63 1.65
CA ILE A 453 25.04 1.53 1.53
C ILE A 453 24.52 2.67 0.66
N MET A 454 25.07 3.87 0.85
CA MET A 454 24.67 5.01 0.02
C MET A 454 24.92 4.73 -1.46
N THR A 455 26.05 4.11 -1.77
CA THR A 455 26.35 3.77 -3.15
C THR A 455 25.36 2.73 -3.66
N CYS A 456 25.07 1.72 -2.85
CA CYS A 456 24.06 0.73 -3.23
C CYS A 456 22.68 1.39 -3.45
N MET A 457 22.37 2.44 -2.68
CA MET A 457 21.13 3.17 -2.91
C MET A 457 21.13 3.84 -4.27
N SER A 458 22.25 4.47 -4.63
CA SER A 458 22.41 5.04 -5.97
C SER A 458 22.36 3.94 -7.04
N ALA A 459 23.11 2.86 -6.84
CA ALA A 459 23.18 1.77 -7.81
C ALA A 459 21.84 1.07 -8.05
N ASP A 460 21.07 0.80 -6.98
CA ASP A 460 20.00 -0.19 -7.09
C ASP A 460 18.58 0.31 -6.95
N LEU A 461 18.40 1.52 -6.43
CA LEU A 461 17.07 2.08 -6.29
C LEU A 461 16.82 3.04 -7.44
N GLU A 462 15.60 3.03 -7.97
CA GLU A 462 15.26 3.93 -9.08
C GLU A 462 15.09 5.36 -8.58
N VAL A 463 14.94 6.28 -9.52
CA VAL A 463 14.89 7.70 -9.20
C VAL A 463 13.67 8.28 -9.92
N VAL A 464 13.21 9.44 -9.46
CA VAL A 464 11.98 10.11 -9.90
C VAL A 464 10.76 9.37 -9.36
N ASN B 21 -22.67 -3.47 -8.08
CA ASN B 21 -23.77 -4.24 -8.66
C ASN B 21 -23.84 -4.06 -10.19
N SER B 22 -24.15 -5.16 -10.90
CA SER B 22 -24.04 -5.24 -12.37
C SER B 22 -25.10 -4.46 -13.17
N SER B 23 -26.25 -4.18 -12.55
CA SER B 23 -27.37 -3.57 -13.28
C SER B 23 -27.85 -2.24 -12.66
N PRO B 24 -28.30 -1.29 -13.52
CA PRO B 24 -28.70 0.09 -13.17
C PRO B 24 -29.84 0.18 -12.16
N PRO B 25 -29.54 0.66 -10.95
CA PRO B 25 -30.49 0.71 -9.82
C PRO B 25 -31.77 1.46 -10.18
N ALA B 26 -32.90 0.81 -9.99
CA ALA B 26 -34.19 1.47 -10.19
C ALA B 26 -34.30 2.65 -9.22
N VAL B 27 -34.91 3.73 -9.67
CA VAL B 27 -35.05 4.92 -8.86
C VAL B 27 -35.95 4.65 -7.66
N PRO B 28 -35.37 4.77 -6.45
CA PRO B 28 -36.07 4.47 -5.20
C PRO B 28 -37.02 5.60 -4.78
N GLN B 29 -37.68 5.43 -3.65
CA GLN B 29 -38.70 6.38 -3.23
C GLN B 29 -38.11 7.41 -2.27
N SER B 30 -37.16 6.97 -1.44
CA SER B 30 -36.39 7.91 -0.64
C SER B 30 -35.00 8.08 -1.29
N PHE B 31 -34.20 8.98 -0.74
CA PHE B 31 -32.85 9.21 -1.28
C PHE B 31 -31.87 8.15 -0.85
N GLN B 32 -31.10 7.64 -1.80
CA GLN B 32 -29.97 6.79 -1.42
C GLN B 32 -28.80 6.83 -2.42
N VAL B 33 -27.73 6.16 -2.03
CA VAL B 33 -26.50 6.11 -2.80
C VAL B 33 -26.30 4.69 -3.31
N ALA B 34 -26.37 4.51 -4.62
CA ALA B 34 -26.21 3.20 -5.23
C ALA B 34 -24.84 3.03 -5.89
N HIS B 35 -24.43 1.78 -6.13
CA HIS B 35 -23.18 1.49 -6.80
C HIS B 35 -23.44 0.66 -8.04
N LEU B 36 -22.90 1.12 -9.16
CA LEU B 36 -23.01 0.39 -10.41
C LEU B 36 -21.62 -0.11 -10.82
N HIS B 37 -21.34 -1.39 -10.58
CA HIS B 37 -20.11 -2.04 -11.03
C HIS B 37 -20.34 -2.53 -12.46
N ALA B 38 -20.20 -1.61 -13.42
CA ALA B 38 -20.40 -1.95 -14.82
C ALA B 38 -19.07 -2.31 -15.47
N PRO B 39 -19.08 -3.22 -16.46
CA PRO B 39 -17.83 -3.50 -17.16
C PRO B 39 -17.49 -2.45 -18.21
N THR B 40 -16.31 -2.56 -18.82
CA THR B 40 -15.88 -1.62 -19.85
C THR B 40 -16.84 -1.63 -21.04
N THR B 46 -23.26 7.47 -21.46
CA THR B 46 -24.25 7.27 -22.51
C THR B 46 -25.14 6.12 -22.11
N LYS B 47 -24.47 5.00 -21.84
CA LYS B 47 -25.04 3.72 -21.38
C LYS B 47 -26.35 3.84 -20.58
N VAL B 48 -26.17 4.05 -19.28
CA VAL B 48 -27.26 4.14 -18.30
C VAL B 48 -28.03 5.47 -18.23
N PRO B 49 -27.33 6.62 -18.34
CA PRO B 49 -28.04 7.90 -18.20
C PRO B 49 -29.29 8.05 -19.07
N ALA B 50 -29.25 7.58 -20.31
CA ALA B 50 -30.38 7.66 -21.22
C ALA B 50 -31.60 6.93 -20.66
N ALA B 51 -31.36 5.77 -20.06
CA ALA B 51 -32.41 4.96 -19.47
C ALA B 51 -33.17 5.73 -18.39
N TYR B 52 -32.43 6.44 -17.55
CA TYR B 52 -33.05 7.25 -16.51
C TYR B 52 -33.78 8.47 -17.08
N ALA B 53 -33.35 8.93 -18.26
CA ALA B 53 -33.92 10.14 -18.88
C ALA B 53 -35.24 9.88 -19.59
N ALA B 54 -35.41 8.64 -20.06
CA ALA B 54 -36.67 8.20 -20.66
C ALA B 54 -37.81 8.26 -19.65
N GLN B 55 -37.49 8.14 -18.37
CA GLN B 55 -38.48 8.08 -17.31
C GLN B 55 -38.82 9.44 -16.69
N GLY B 56 -38.54 10.51 -17.43
CA GLY B 56 -38.90 11.86 -17.00
C GLY B 56 -37.87 12.53 -16.10
N TYR B 57 -36.84 11.77 -15.71
CA TYR B 57 -35.84 12.22 -14.74
C TYR B 57 -34.74 13.12 -15.31
N LYS B 58 -34.43 14.19 -14.57
CA LYS B 58 -33.31 15.06 -14.89
C LYS B 58 -32.03 14.47 -14.29
N VAL B 59 -31.11 14.03 -15.14
CA VAL B 59 -29.89 13.41 -14.63
C VAL B 59 -28.66 14.28 -14.88
N LEU B 60 -27.74 14.23 -13.92
CA LEU B 60 -26.44 14.86 -14.06
C LEU B 60 -25.38 13.76 -14.03
N VAL B 61 -24.47 13.80 -15.00
CA VAL B 61 -23.39 12.82 -15.11
C VAL B 61 -22.05 13.54 -14.97
N LEU B 62 -21.26 13.11 -14.00
CA LEU B 62 -19.94 13.72 -13.72
C LEU B 62 -18.79 12.77 -14.05
N ASN B 63 -17.80 13.27 -14.79
CA ASN B 63 -16.54 12.58 -15.07
C ASN B 63 -15.37 13.51 -14.77
N PRO B 64 -14.13 12.97 -14.74
CA PRO B 64 -12.94 13.84 -14.71
C PRO B 64 -12.92 14.80 -15.89
N SER B 65 -13.14 14.25 -17.09
CA SER B 65 -13.22 15.01 -18.34
C SER B 65 -14.42 14.58 -19.19
N VAL B 66 -14.93 15.47 -20.05
CA VAL B 66 -16.03 15.12 -20.94
C VAL B 66 -15.55 14.95 -22.39
N ALA B 67 -14.24 14.94 -22.57
CA ALA B 67 -13.67 14.62 -23.87
C ALA B 67 -13.95 13.16 -24.21
N ALA B 68 -14.07 12.89 -25.50
CA ALA B 68 -14.23 11.53 -25.99
C ALA B 68 -13.21 10.59 -25.34
N THR B 69 -13.72 9.49 -24.81
CA THR B 69 -12.91 8.52 -24.08
C THR B 69 -11.74 7.94 -24.92
N LEU B 70 -11.94 7.83 -26.23
CA LEU B 70 -10.91 7.28 -27.11
C LEU B 70 -9.83 8.29 -27.48
N GLY B 71 -10.11 9.59 -27.34
CA GLY B 71 -9.18 10.63 -27.73
C GLY B 71 -9.59 11.23 -29.06
N PHE B 72 -10.68 10.67 -29.60
CA PHE B 72 -11.21 11.06 -30.90
C PHE B 72 -12.72 11.02 -30.83
N GLY B 73 -13.39 12.02 -31.40
CA GLY B 73 -14.84 12.03 -31.38
C GLY B 73 -15.39 13.21 -30.60
N ALA B 74 -16.72 13.30 -30.57
CA ALA B 74 -17.40 14.42 -29.93
C ALA B 74 -17.19 14.51 -28.43
N TYR B 75 -17.44 15.70 -27.88
CA TYR B 75 -17.46 15.87 -26.44
C TYR B 75 -18.75 15.29 -25.88
N MET B 76 -18.68 14.88 -24.62
CA MET B 76 -19.82 14.29 -23.92
C MET B 76 -20.94 15.32 -23.69
N SER B 77 -20.57 16.60 -23.69
CA SER B 77 -21.53 17.67 -23.42
C SER B 77 -22.25 18.17 -24.67
N LYS B 78 -21.93 17.58 -25.82
CA LYS B 78 -22.59 17.91 -27.08
C LYS B 78 -24.10 17.69 -27.00
N ALA B 79 -24.85 18.75 -27.25
CA ALA B 79 -26.31 18.67 -27.23
C ALA B 79 -26.83 18.02 -28.51
N HIS B 80 -28.07 17.55 -28.48
CA HIS B 80 -28.67 16.96 -29.68
C HIS B 80 -29.87 17.76 -30.14
N SER B 97 -32.73 19.66 -22.71
CA SER B 97 -32.30 18.27 -22.59
C SER B 97 -32.54 17.74 -21.18
N PRO B 98 -32.79 16.42 -21.06
CA PRO B 98 -32.92 15.81 -19.74
C PRO B 98 -31.58 15.30 -19.17
N ILE B 99 -30.52 15.28 -19.98
CA ILE B 99 -29.21 14.80 -19.52
C ILE B 99 -28.05 15.78 -19.70
N THR B 100 -27.49 16.23 -18.58
CA THR B 100 -26.31 17.08 -18.60
C THR B 100 -25.01 16.28 -18.37
N TYR B 101 -24.00 16.56 -19.21
CA TYR B 101 -22.67 15.97 -19.04
C TYR B 101 -21.65 17.03 -18.64
N SER B 102 -21.11 16.91 -17.43
CA SER B 102 -20.09 17.85 -16.95
C SER B 102 -18.94 17.16 -16.23
N THR B 103 -18.08 17.95 -15.58
CA THR B 103 -16.94 17.38 -14.86
C THR B 103 -16.96 17.73 -13.38
N TYR B 104 -16.18 17.00 -12.58
CA TYR B 104 -16.08 17.30 -11.16
C TYR B 104 -15.49 18.69 -10.97
N GLY B 105 -14.49 19.02 -11.79
CA GLY B 105 -13.85 20.33 -11.75
C GLY B 105 -14.80 21.48 -12.00
N LYS B 106 -15.52 21.42 -13.12
CA LYS B 106 -16.57 22.41 -13.37
C LYS B 106 -17.63 22.41 -12.28
N PHE B 107 -18.04 21.20 -11.86
CA PHE B 107 -19.09 21.08 -10.83
C PHE B 107 -18.68 21.82 -9.56
N LEU B 108 -17.40 21.72 -9.18
CA LEU B 108 -16.93 22.35 -7.94
C LEU B 108 -16.90 23.86 -8.11
N ALA B 109 -16.42 24.31 -9.27
CA ALA B 109 -16.36 25.75 -9.59
C ALA B 109 -17.76 26.36 -9.62
N ASP B 110 -18.74 25.61 -10.11
CA ASP B 110 -20.14 26.05 -10.10
C ASP B 110 -20.71 26.11 -8.69
N GLY B 111 -19.94 25.66 -7.70
CA GLY B 111 -20.36 25.71 -6.31
C GLY B 111 -21.14 24.47 -5.89
N GLY B 112 -21.07 23.42 -6.70
CA GLY B 112 -21.71 22.15 -6.39
C GLY B 112 -23.17 22.06 -6.77
N CYS B 113 -23.97 21.45 -5.89
CA CYS B 113 -25.39 21.18 -6.16
C CYS B 113 -26.23 22.44 -6.11
N SER B 114 -26.79 22.84 -7.25
CA SER B 114 -27.68 24.01 -7.27
C SER B 114 -29.14 23.58 -7.26
N GLY B 115 -29.88 24.12 -6.29
CA GLY B 115 -31.33 23.97 -6.20
C GLY B 115 -31.82 22.55 -6.36
N GLY B 116 -33.09 22.39 -6.74
CA GLY B 116 -33.59 21.10 -7.14
C GLY B 116 -33.47 20.93 -8.64
N ALA B 117 -32.24 20.93 -9.14
CA ALA B 117 -32.00 20.91 -10.58
C ALA B 117 -31.80 19.50 -11.14
N TYR B 118 -31.72 18.50 -10.24
CA TYR B 118 -31.49 17.12 -10.70
C TYR B 118 -32.10 16.08 -9.77
N ASP B 119 -32.57 14.98 -10.36
CA ASP B 119 -33.12 13.87 -9.59
C ASP B 119 -32.08 12.76 -9.41
N ILE B 120 -31.20 12.65 -10.39
CA ILE B 120 -30.23 11.56 -10.45
C ILE B 120 -28.84 12.12 -10.79
N ILE B 121 -27.87 11.89 -9.92
CA ILE B 121 -26.50 12.32 -10.19
C ILE B 121 -25.58 11.11 -10.32
N ILE B 122 -25.02 10.95 -11.51
CA ILE B 122 -24.13 9.85 -11.78
C ILE B 122 -22.67 10.30 -11.65
N CYS B 123 -22.00 9.83 -10.59
CA CYS B 123 -20.56 10.02 -10.43
C CYS B 123 -19.79 8.89 -11.11
N ASP B 124 -19.39 9.12 -12.36
CA ASP B 124 -18.68 8.09 -13.13
C ASP B 124 -17.17 8.10 -12.87
N GLU B 125 -16.53 6.95 -13.13
CA GLU B 125 -15.13 6.73 -12.77
C GLU B 125 -14.86 7.11 -11.31
N CYS B 126 -15.68 6.62 -10.39
CA CYS B 126 -15.57 7.00 -8.98
C CYS B 126 -14.38 6.32 -8.26
N HIS B 127 -13.58 5.57 -9.01
CA HIS B 127 -12.32 5.05 -8.53
C HIS B 127 -11.18 6.08 -8.64
N SER B 128 -11.44 7.19 -9.33
CA SER B 128 -10.39 8.19 -9.59
C SER B 128 -9.96 8.81 -8.29
N THR B 129 -8.65 8.91 -8.08
CA THR B 129 -8.15 9.43 -6.81
C THR B 129 -7.41 10.73 -6.98
N ASP B 130 -7.59 11.40 -8.11
CA ASP B 130 -7.13 12.77 -8.20
C ASP B 130 -7.98 13.64 -7.26
N ALA B 131 -7.40 14.73 -6.75
CA ALA B 131 -8.05 15.59 -5.76
C ALA B 131 -9.41 16.15 -6.17
N THR B 132 -9.53 16.52 -7.44
CA THR B 132 -10.76 17.10 -7.99
C THR B 132 -11.90 16.09 -7.98
N SER B 133 -11.59 14.85 -8.29
CA SER B 133 -12.59 13.79 -8.26
C SER B 133 -13.03 13.51 -6.83
N ILE B 134 -12.09 13.49 -5.91
CA ILE B 134 -12.44 13.14 -4.54
C ILE B 134 -13.25 14.24 -3.89
N LEU B 135 -12.83 15.49 -4.06
CA LEU B 135 -13.58 16.63 -3.51
C LEU B 135 -14.95 16.75 -4.19
N GLY B 136 -14.96 16.53 -5.50
CA GLY B 136 -16.19 16.55 -6.29
C GLY B 136 -17.23 15.51 -5.87
N ILE B 137 -16.79 14.26 -5.73
CA ILE B 137 -17.69 13.21 -5.26
C ILE B 137 -18.16 13.50 -3.85
N GLY B 138 -17.25 13.86 -2.96
CA GLY B 138 -17.63 14.17 -1.58
C GLY B 138 -18.64 15.29 -1.49
N THR B 139 -18.53 16.23 -2.42
CA THR B 139 -19.48 17.34 -2.53
C THR B 139 -20.87 16.82 -2.92
N VAL B 140 -20.91 15.95 -3.94
CA VAL B 140 -22.16 15.33 -4.34
C VAL B 140 -22.82 14.61 -3.17
N LEU B 141 -22.03 13.81 -2.46
CA LEU B 141 -22.56 12.99 -1.39
C LEU B 141 -23.06 13.83 -0.23
N ASP B 142 -22.46 15.01 -0.04
CA ASP B 142 -22.83 15.86 1.07
C ASP B 142 -24.04 16.74 0.76
N GLN B 143 -24.30 17.00 -0.52
CA GLN B 143 -25.24 18.04 -0.96
C GLN B 143 -26.45 17.51 -1.74
N ALA B 144 -26.33 16.29 -2.27
CA ALA B 144 -27.31 15.79 -3.23
C ALA B 144 -28.72 15.74 -2.65
N GLU B 145 -28.86 15.12 -1.49
CA GLU B 145 -30.15 14.96 -0.84
C GLU B 145 -30.76 16.31 -0.43
N THR B 146 -29.94 17.20 0.10
CA THR B 146 -30.42 18.52 0.48
C THR B 146 -30.82 19.33 -0.76
N ALA B 147 -30.23 19.01 -1.90
CA ALA B 147 -30.60 19.65 -3.16
C ALA B 147 -31.78 18.94 -3.82
N GLY B 148 -32.35 17.95 -3.13
CA GLY B 148 -33.55 17.30 -3.62
C GLY B 148 -33.35 16.25 -4.68
N ALA B 149 -32.16 15.68 -4.75
CA ALA B 149 -31.94 14.54 -5.64
C ALA B 149 -32.37 13.30 -4.89
N ARG B 150 -32.86 12.28 -5.61
CA ARG B 150 -33.27 11.07 -4.93
C ARG B 150 -32.33 9.87 -5.17
N LEU B 151 -31.36 10.02 -6.07
CA LEU B 151 -30.41 8.93 -6.35
C LEU B 151 -29.02 9.43 -6.75
N VAL B 152 -28.00 8.93 -6.06
CA VAL B 152 -26.62 9.13 -6.48
C VAL B 152 -26.05 7.77 -6.88
N VAL B 153 -25.59 7.67 -8.12
CA VAL B 153 -24.90 6.47 -8.57
C VAL B 153 -23.39 6.69 -8.61
N LEU B 154 -22.66 5.86 -7.85
CA LEU B 154 -21.20 5.81 -7.90
C LEU B 154 -20.77 4.71 -8.87
N ALA B 155 -20.52 5.08 -10.12
CA ALA B 155 -20.19 4.11 -11.16
C ALA B 155 -18.70 4.02 -11.45
N THR B 156 -18.20 2.80 -11.54
CA THR B 156 -16.85 2.56 -12.02
C THR B 156 -16.74 1.16 -12.63
N ALA B 157 -15.84 1.02 -13.59
CA ALA B 157 -15.50 -0.29 -14.13
C ALA B 157 -14.53 -1.04 -13.24
N THR B 158 -13.96 -0.35 -12.25
CA THR B 158 -12.91 -0.94 -11.41
C THR B 158 -13.07 -0.61 -9.93
N PRO B 159 -14.05 -1.27 -9.28
CA PRO B 159 -14.30 -1.09 -7.84
C PRO B 159 -13.03 -1.34 -7.02
N PRO B 160 -13.05 -0.96 -5.73
CA PRO B 160 -11.88 -1.27 -4.88
C PRO B 160 -11.62 -2.77 -4.84
N GLY B 161 -10.34 -3.16 -4.92
CA GLY B 161 -9.98 -4.56 -4.97
C GLY B 161 -9.90 -5.16 -6.36
N SER B 162 -10.25 -4.38 -7.38
CA SER B 162 -10.22 -4.89 -8.75
C SER B 162 -8.84 -5.35 -9.15
N VAL B 163 -8.76 -6.43 -9.89
CA VAL B 163 -7.49 -6.89 -10.45
C VAL B 163 -7.60 -6.89 -11.98
N THR B 164 -6.47 -6.77 -12.66
CA THR B 164 -6.46 -6.84 -14.12
C THR B 164 -6.89 -8.23 -14.57
N VAL B 165 -7.77 -8.28 -15.55
CA VAL B 165 -8.29 -9.53 -16.08
C VAL B 165 -7.71 -9.78 -17.48
N SER B 166 -7.70 -11.05 -17.89
CA SER B 166 -7.24 -11.41 -19.23
C SER B 166 -7.95 -10.64 -20.35
N HIS B 167 -7.28 -10.58 -21.48
CA HIS B 167 -7.85 -10.00 -22.67
C HIS B 167 -7.85 -11.08 -23.73
N PRO B 168 -9.01 -11.34 -24.34
CA PRO B 168 -9.14 -12.33 -25.41
C PRO B 168 -8.18 -12.03 -26.56
N ASN B 169 -7.88 -10.75 -26.72
CA ASN B 169 -7.17 -10.25 -27.88
C ASN B 169 -5.67 -9.98 -27.67
N ILE B 170 -5.17 -10.15 -26.45
CA ILE B 170 -3.80 -9.78 -26.13
C ILE B 170 -3.06 -10.89 -25.41
N GLU B 171 -1.94 -11.31 -25.99
CA GLU B 171 -1.14 -12.37 -25.40
C GLU B 171 -0.08 -11.75 -24.49
N GLU B 172 0.07 -12.28 -23.29
CA GLU B 172 0.98 -11.69 -22.33
C GLU B 172 2.19 -12.58 -22.11
N VAL B 173 3.39 -11.99 -22.18
CA VAL B 173 4.61 -12.76 -22.02
C VAL B 173 5.59 -12.09 -21.06
N ALA B 174 5.97 -12.80 -20.01
CA ALA B 174 7.01 -12.35 -19.09
C ALA B 174 8.35 -12.15 -19.77
N LEU B 175 9.01 -11.02 -19.51
CA LEU B 175 10.39 -10.84 -19.93
C LEU B 175 11.27 -11.79 -19.12
N SER B 176 12.39 -12.20 -19.73
CA SER B 176 13.38 -13.00 -19.03
C SER B 176 14.58 -12.12 -18.71
N THR B 177 15.64 -12.71 -18.16
CA THR B 177 16.89 -11.98 -18.00
C THR B 177 17.78 -12.17 -19.25
N THR B 178 17.22 -12.77 -20.29
CA THR B 178 17.97 -12.93 -21.53
C THR B 178 17.59 -11.89 -22.57
N GLY B 179 18.58 -11.11 -23.01
CA GLY B 179 18.37 -10.21 -24.11
C GLY B 179 19.41 -9.13 -24.08
N GLU B 180 19.48 -8.37 -25.17
CA GLU B 180 20.52 -7.37 -25.35
C GLU B 180 20.23 -6.10 -24.56
N ILE B 181 18.95 -5.78 -24.44
CA ILE B 181 18.55 -4.54 -23.80
C ILE B 181 18.10 -4.74 -22.34
N PRO B 182 18.90 -4.24 -21.40
CA PRO B 182 18.53 -4.34 -19.97
C PRO B 182 17.33 -3.47 -19.70
N PHE B 183 16.40 -3.99 -18.90
CA PHE B 183 15.13 -3.30 -18.69
C PHE B 183 14.59 -3.63 -17.30
N TYR B 184 14.75 -2.69 -16.38
CA TYR B 184 14.21 -2.83 -15.02
C TYR B 184 14.51 -4.20 -14.42
N GLY B 185 15.73 -4.68 -14.60
CA GLY B 185 16.15 -5.91 -13.95
C GLY B 185 15.92 -7.11 -14.84
N LYS B 186 15.15 -6.92 -15.90
CA LYS B 186 15.06 -7.99 -16.87
C LYS B 186 15.66 -7.53 -18.21
N ALA B 187 15.37 -8.24 -19.29
CA ALA B 187 16.00 -7.88 -20.57
C ALA B 187 15.00 -7.97 -21.70
N ILE B 188 15.13 -7.03 -22.64
CA ILE B 188 14.36 -7.10 -23.89
C ILE B 188 15.26 -7.71 -24.95
N PRO B 189 14.84 -8.82 -25.56
CA PRO B 189 15.60 -9.35 -26.71
C PRO B 189 15.36 -8.52 -27.95
N LEU B 190 16.43 -8.23 -28.68
CA LEU B 190 16.38 -7.36 -29.86
C LEU B 190 15.34 -7.87 -30.86
N GLU B 191 15.25 -9.19 -30.94
CA GLU B 191 14.33 -9.88 -31.83
C GLU B 191 12.88 -9.44 -31.68
N VAL B 192 12.43 -9.12 -30.46
CA VAL B 192 11.01 -8.87 -30.30
C VAL B 192 10.63 -7.42 -30.63
N ILE B 193 11.61 -6.56 -30.87
CA ILE B 193 11.29 -5.18 -31.25
C ILE B 193 11.97 -4.75 -32.56
N LYS B 194 12.87 -5.58 -33.08
CA LYS B 194 13.46 -5.33 -34.41
C LYS B 194 12.39 -5.57 -35.46
N GLY B 195 11.89 -4.50 -36.05
CA GLY B 195 10.79 -4.60 -36.99
C GLY B 195 9.44 -4.62 -36.32
N GLY B 196 8.48 -3.88 -36.88
CA GLY B 196 7.17 -3.76 -36.30
C GLY B 196 7.05 -2.44 -35.55
N ARG B 197 5.94 -2.27 -34.84
CA ARG B 197 5.74 -1.04 -34.07
C ARG B 197 5.52 -1.38 -32.60
N HIS B 198 6.26 -0.73 -31.72
CA HIS B 198 6.24 -1.14 -30.33
C HIS B 198 6.21 0.03 -29.37
N LEU B 199 5.52 -0.16 -28.24
CA LEU B 199 5.41 0.87 -27.21
C LEU B 199 6.06 0.33 -25.96
N ILE B 200 7.03 1.07 -25.43
CA ILE B 200 7.63 0.66 -24.18
C ILE B 200 7.34 1.72 -23.12
N PHE B 201 6.72 1.34 -22.01
CA PHE B 201 6.53 2.28 -20.92
C PHE B 201 7.68 2.27 -19.91
N CYS B 202 8.17 3.46 -19.59
CA CYS B 202 9.18 3.67 -18.56
C CYS B 202 8.59 4.62 -17.52
N HIS B 203 9.16 4.67 -16.33
CA HIS B 203 8.47 5.39 -15.26
C HIS B 203 8.85 6.87 -15.23
N SER B 204 9.93 7.24 -15.93
CA SER B 204 10.36 8.65 -15.95
C SER B 204 10.90 9.10 -17.31
N LYS B 205 10.98 10.41 -17.48
CA LYS B 205 11.57 11.02 -18.68
C LYS B 205 13.00 10.54 -18.89
N LYS B 206 13.76 10.53 -17.81
CA LYS B 206 15.16 10.16 -17.86
C LYS B 206 15.36 8.72 -18.37
N LYS B 207 14.53 7.80 -17.88
CA LYS B 207 14.65 6.41 -18.33
C LYS B 207 14.29 6.24 -19.79
N CYS B 208 13.39 7.09 -20.28
CA CYS B 208 12.93 7.04 -21.66
C CYS B 208 14.06 7.46 -22.60
N ASP B 209 14.75 8.55 -22.25
CA ASP B 209 15.90 9.03 -23.01
C ASP B 209 17.00 7.98 -23.06
N GLU B 210 17.38 7.44 -21.90
CA GLU B 210 18.45 6.44 -21.82
C GLU B 210 18.12 5.19 -22.62
N LEU B 211 16.89 4.72 -22.53
CA LEU B 211 16.50 3.51 -23.24
C LEU B 211 16.45 3.76 -24.77
N ALA B 212 15.94 4.91 -25.17
CA ALA B 212 15.81 5.23 -26.57
C ALA B 212 17.20 5.31 -27.21
N ALA B 213 18.12 5.95 -26.49
CA ALA B 213 19.50 6.06 -26.93
C ALA B 213 20.14 4.68 -27.07
N LYS B 214 19.89 3.79 -26.12
CA LYS B 214 20.43 2.43 -26.25
C LYS B 214 19.81 1.71 -27.46
N LEU B 215 18.53 1.94 -27.72
CA LEU B 215 17.90 1.30 -28.87
C LEU B 215 18.50 1.83 -30.18
N VAL B 216 18.58 3.15 -30.31
CA VAL B 216 19.10 3.79 -31.52
C VAL B 216 20.51 3.33 -31.85
N ALA B 217 21.32 3.12 -30.83
CA ALA B 217 22.69 2.65 -31.04
C ALA B 217 22.73 1.20 -31.57
N LEU B 218 21.62 0.49 -31.44
CA LEU B 218 21.53 -0.88 -31.94
C LEU B 218 20.83 -0.98 -33.29
N GLY B 219 20.37 0.15 -33.80
CA GLY B 219 19.79 0.20 -35.14
C GLY B 219 18.28 0.25 -35.16
N ILE B 220 17.68 0.40 -34.00
CA ILE B 220 16.23 0.53 -33.87
C ILE B 220 15.84 1.99 -34.07
N ASN B 221 14.74 2.23 -34.78
CA ASN B 221 14.19 3.58 -34.83
C ASN B 221 13.39 3.93 -33.54
N ALA B 222 14.10 4.28 -32.48
CA ALA B 222 13.48 4.60 -31.18
C ALA B 222 13.26 6.09 -30.93
N VAL B 223 12.06 6.41 -30.43
CA VAL B 223 11.61 7.77 -30.16
C VAL B 223 11.15 7.88 -28.70
N ALA B 224 11.66 8.86 -27.96
CA ALA B 224 11.23 9.08 -26.60
C ALA B 224 10.02 10.01 -26.60
N TYR B 225 8.99 9.66 -25.84
CA TYR B 225 7.87 10.57 -25.62
C TYR B 225 7.61 10.74 -24.13
N TYR B 226 7.31 11.97 -23.74
CA TYR B 226 6.96 12.32 -22.37
C TYR B 226 6.40 13.73 -22.42
N ARG B 227 5.80 14.21 -21.34
CA ARG B 227 5.12 15.50 -21.45
C ARG B 227 6.13 16.62 -21.70
N GLY B 228 5.76 17.51 -22.59
CA GLY B 228 6.64 18.58 -23.05
C GLY B 228 6.99 18.35 -24.51
N LEU B 229 6.44 17.28 -25.09
CA LEU B 229 6.83 16.86 -26.44
C LEU B 229 5.70 16.87 -27.49
N ASP B 230 6.08 16.57 -28.73
CA ASP B 230 5.43 17.09 -29.93
C ASP B 230 4.45 16.20 -30.69
N VAL B 231 4.05 15.05 -30.10
CA VAL B 231 3.56 13.91 -30.88
C VAL B 231 4.29 13.80 -32.24
N SER B 232 5.62 13.75 -32.14
CA SER B 232 6.52 13.49 -33.26
C SER B 232 6.81 12.00 -33.30
N VAL B 233 6.03 11.26 -32.51
CA VAL B 233 5.92 9.83 -32.66
C VAL B 233 5.59 9.58 -34.10
N ILE B 234 6.30 8.65 -34.72
CA ILE B 234 6.39 8.58 -36.17
C ILE B 234 5.02 8.61 -36.85
N PRO B 235 4.78 9.69 -37.62
CA PRO B 235 3.63 10.07 -38.47
C PRO B 235 2.76 8.91 -38.98
N THR B 236 3.43 7.77 -39.16
CA THR B 236 3.24 6.93 -40.32
C THR B 236 3.06 5.44 -39.87
N ASN B 237 3.72 4.51 -40.53
CA ASN B 237 3.32 3.13 -40.57
C ASN B 237 4.58 2.31 -40.39
N GLY B 238 5.73 2.95 -40.56
CA GLY B 238 6.99 2.26 -40.52
C GLY B 238 7.36 1.82 -39.12
N ASP B 239 8.37 0.98 -39.04
CA ASP B 239 8.93 0.53 -37.78
C ASP B 239 9.24 1.70 -36.84
N VAL B 240 8.92 1.51 -35.58
CA VAL B 240 9.18 2.50 -34.55
C VAL B 240 9.10 1.81 -33.19
N VAL B 241 9.93 2.27 -32.26
CA VAL B 241 9.77 1.87 -30.88
C VAL B 241 9.61 3.14 -30.08
N VAL B 242 8.38 3.45 -29.73
CA VAL B 242 8.07 4.55 -28.84
C VAL B 242 8.43 4.20 -27.39
N VAL B 243 9.33 4.98 -26.79
CA VAL B 243 9.63 4.82 -25.38
C VAL B 243 8.98 5.95 -24.62
N SER B 244 7.97 5.62 -23.82
CA SER B 244 7.08 6.64 -23.30
C SER B 244 6.83 6.54 -21.79
N THR B 245 6.52 7.69 -21.18
CA THR B 245 5.93 7.72 -19.84
C THR B 245 4.42 7.56 -20.00
N ASP B 246 3.68 7.79 -18.93
CA ASP B 246 2.21 7.79 -18.99
C ASP B 246 1.64 9.11 -19.52
N ALA B 247 2.48 9.91 -20.17
CA ALA B 247 1.98 10.94 -21.09
C ALA B 247 1.48 10.19 -22.31
N LEU B 248 0.98 10.91 -23.32
CA LEU B 248 0.46 10.23 -24.51
C LEU B 248 -0.81 9.45 -24.18
N MET B 249 -1.95 10.11 -24.12
CA MET B 249 -3.18 9.35 -23.94
C MET B 249 -4.27 9.90 -24.85
N GLY B 251 -5.49 6.57 -25.58
CA GLY B 251 -5.83 7.48 -26.66
C GLY B 251 -4.82 7.42 -27.80
N PHE B 252 -4.24 8.57 -28.14
CA PHE B 252 -3.32 8.68 -29.26
C PHE B 252 -3.99 8.17 -30.54
N THR B 253 -3.35 7.19 -31.19
CA THR B 253 -3.73 6.66 -32.50
C THR B 253 -2.60 5.79 -33.06
N GLY B 254 -1.83 5.18 -32.17
CA GLY B 254 -0.71 4.38 -32.59
C GLY B 254 -1.17 3.01 -33.05
N ASP B 255 -0.24 2.25 -33.63
CA ASP B 255 -0.50 0.88 -34.04
C ASP B 255 -0.19 -0.07 -32.88
N PHE B 256 1.07 -0.47 -32.82
CA PHE B 256 1.65 -1.23 -31.71
C PHE B 256 1.25 -2.69 -31.74
N ASP B 257 2.11 -3.48 -32.35
CA ASP B 257 2.03 -4.92 -32.30
C ASP B 257 2.32 -5.41 -30.88
N SER B 258 2.96 -4.56 -30.07
CA SER B 258 3.25 -4.93 -28.69
C SER B 258 3.43 -3.74 -27.73
N VAL B 259 3.15 -4.00 -26.45
CA VAL B 259 3.45 -3.09 -25.37
C VAL B 259 4.47 -3.80 -24.48
N ILE B 260 5.51 -3.08 -24.08
CA ILE B 260 6.39 -3.59 -23.04
C ILE B 260 6.27 -2.67 -21.82
N ASP B 261 6.04 -3.25 -20.66
CA ASP B 261 5.65 -2.48 -19.46
C ASP B 261 6.69 -2.64 -18.36
N CYS B 262 7.24 -1.54 -17.88
CA CYS B 262 8.08 -1.59 -16.70
C CYS B 262 7.28 -1.95 -15.42
N ASN B 263 5.95 -1.81 -15.47
CA ASN B 263 5.02 -2.12 -14.35
C ASN B 263 5.32 -1.28 -13.09
N THR B 264 5.88 -0.10 -13.30
CA THR B 264 6.23 0.86 -12.27
C THR B 264 5.52 2.20 -12.52
N CYS B 265 5.13 2.89 -11.46
CA CYS B 265 4.58 4.24 -11.57
C CYS B 265 5.27 5.22 -10.61
N VAL B 266 5.12 6.49 -10.89
CA VAL B 266 5.52 7.51 -9.93
C VAL B 266 4.25 8.11 -9.35
N THR B 267 4.22 8.30 -8.03
CA THR B 267 3.09 8.94 -7.36
C THR B 267 3.53 9.94 -6.30
N GLN B 268 2.63 10.85 -5.98
CA GLN B 268 2.87 11.88 -4.98
C GLN B 268 2.51 11.37 -3.60
N THR B 269 3.38 11.63 -2.63
CA THR B 269 3.23 11.15 -1.26
C THR B 269 3.63 12.28 -0.31
N VAL B 270 3.06 12.28 0.88
CA VAL B 270 3.52 13.19 1.90
C VAL B 270 4.33 12.39 2.91
N ASP B 271 5.51 12.89 3.25
CA ASP B 271 6.30 12.33 4.33
C ASP B 271 6.18 13.21 5.58
N PHE B 272 5.84 12.60 6.72
CA PHE B 272 5.84 13.34 7.98
C PHE B 272 7.20 13.24 8.64
N SER B 273 8.10 14.07 8.12
CA SER B 273 9.54 13.97 8.34
C SER B 273 10.11 14.81 9.47
N LEU B 274 9.28 15.66 10.08
CA LEU B 274 9.69 16.42 11.25
C LEU B 274 10.94 17.26 11.04
N ASP B 275 11.05 17.86 9.86
CA ASP B 275 12.25 18.60 9.52
C ASP B 275 11.98 19.89 8.74
N PRO B 276 11.13 20.77 9.28
CA PRO B 276 10.50 20.77 10.60
C PRO B 276 9.17 20.01 10.66
N THR B 277 8.46 19.96 9.54
CA THR B 277 7.10 19.44 9.54
C THR B 277 6.83 18.26 8.61
N PHE B 278 6.33 18.56 7.41
CA PHE B 278 6.11 17.50 6.41
C PHE B 278 6.78 17.83 5.08
N THR B 279 6.85 16.83 4.22
CA THR B 279 7.46 16.95 2.91
C THR B 279 6.51 16.36 1.87
N ILE B 280 6.19 17.11 0.84
CA ILE B 280 5.53 16.54 -0.31
C ILE B 280 6.65 16.03 -1.24
N GLU B 281 6.65 14.74 -1.55
CA GLU B 281 7.66 14.13 -2.40
C GLU B 281 7.03 13.19 -3.41
N THR B 282 7.83 12.65 -4.32
CA THR B 282 7.32 11.71 -5.30
C THR B 282 8.05 10.39 -5.17
N THR B 283 7.29 9.30 -5.18
CA THR B 283 7.80 7.94 -5.05
C THR B 283 7.48 7.08 -6.26
N THR B 284 8.32 6.08 -6.51
CA THR B 284 7.98 5.06 -7.50
C THR B 284 7.43 3.83 -6.81
N LEU B 285 6.26 3.36 -7.27
CA LEU B 285 5.60 2.20 -6.68
C LEU B 285 5.27 1.23 -7.79
N PRO B 286 4.98 -0.04 -7.46
CA PRO B 286 4.41 -0.91 -8.50
C PRO B 286 3.08 -0.34 -9.04
N GLN B 287 2.80 -0.53 -10.33
CA GLN B 287 1.58 0.03 -10.91
C GLN B 287 0.35 -0.67 -10.31
N ASP B 288 -0.81 -0.04 -10.39
CA ASP B 288 -2.03 -0.72 -9.93
C ASP B 288 -2.83 -1.22 -11.12
N ALA B 289 -3.96 -1.88 -10.88
CA ALA B 289 -4.69 -2.56 -11.94
C ALA B 289 -5.19 -1.60 -13.04
N VAL B 290 -5.65 -0.44 -12.64
CA VAL B 290 -5.99 0.63 -13.57
C VAL B 290 -4.81 0.91 -14.54
N SER B 291 -3.63 1.17 -13.98
CA SER B 291 -2.44 1.46 -14.78
C SER B 291 -2.04 0.30 -15.69
N ARG B 292 -2.03 -0.93 -15.19
CA ARG B 292 -1.66 -2.07 -16.03
C ARG B 292 -2.66 -2.25 -17.17
N THR B 293 -3.94 -2.20 -16.85
CA THR B 293 -4.99 -2.42 -17.85
C THR B 293 -4.87 -1.40 -18.99
N GLN B 294 -4.70 -0.13 -18.60
CA GLN B 294 -4.57 1.00 -19.51
C GLN B 294 -3.30 0.92 -20.40
N ARG B 295 -2.17 0.49 -19.84
CA ARG B 295 -0.96 0.38 -20.65
C ARG B 295 -1.03 -0.79 -21.62
N ARG B 296 -1.52 -1.91 -21.11
CA ARG B 296 -1.70 -3.10 -21.94
C ARG B 296 -2.69 -2.83 -23.07
N GLY B 297 -3.66 -1.95 -22.81
CA GLY B 297 -4.70 -1.63 -23.77
C GLY B 297 -4.29 -0.73 -24.92
N ARG B 298 -3.00 -0.43 -25.03
CA ARG B 298 -2.51 0.29 -26.21
C ARG B 298 -2.25 -0.69 -27.35
N THR B 299 -2.06 -1.96 -27.03
CA THR B 299 -1.89 -2.98 -28.06
C THR B 299 -3.20 -3.77 -28.21
N GLY B 300 -3.23 -4.66 -29.20
CA GLY B 300 -4.37 -5.56 -29.39
C GLY B 300 -5.70 -4.86 -29.68
N ARG B 301 -5.63 -3.65 -30.23
CA ARG B 301 -6.82 -2.94 -30.67
C ARG B 301 -7.21 -3.43 -32.07
N GLY B 302 -8.25 -4.24 -32.14
CA GLY B 302 -8.60 -4.91 -33.39
C GLY B 302 -7.75 -6.14 -33.65
N LYS B 303 -6.56 -5.93 -34.21
CA LYS B 303 -5.59 -6.99 -34.45
C LYS B 303 -5.03 -7.54 -33.14
N PRO B 304 -4.69 -8.85 -33.10
CA PRO B 304 -4.02 -9.41 -31.92
C PRO B 304 -2.75 -8.65 -31.53
N GLY B 305 -2.44 -8.65 -30.24
CA GLY B 305 -1.30 -7.90 -29.73
C GLY B 305 -0.54 -8.68 -28.68
N ILE B 306 0.66 -8.22 -28.35
CA ILE B 306 1.50 -8.88 -27.37
C ILE B 306 1.91 -7.95 -26.23
N TYR B 307 1.69 -8.37 -24.99
CA TYR B 307 2.04 -7.57 -23.81
C TYR B 307 3.20 -8.22 -23.11
N ARG B 308 4.25 -7.46 -22.86
CA ARG B 308 5.43 -8.02 -22.20
C ARG B 308 5.68 -7.29 -20.90
N PHE B 309 6.00 -8.03 -19.84
CA PHE B 309 6.07 -7.37 -18.55
C PHE B 309 7.25 -7.80 -17.71
N VAL B 310 7.60 -6.89 -16.80
CA VAL B 310 8.64 -7.12 -15.81
C VAL B 310 8.13 -7.82 -14.55
N ALA B 311 6.90 -7.49 -14.10
CA ALA B 311 6.29 -8.11 -12.92
C ALA B 311 4.95 -8.76 -13.29
N PRO B 312 4.70 -9.98 -12.79
CA PRO B 312 3.40 -10.60 -13.08
C PRO B 312 2.24 -9.91 -12.34
N GLY B 313 2.54 -9.19 -11.26
CA GLY B 313 1.52 -8.67 -10.36
C GLY B 313 1.41 -7.16 -10.28
N GLU B 314 0.27 -6.70 -9.78
CA GLU B 314 -0.06 -5.29 -9.64
C GLU B 314 -0.34 -5.01 -8.17
N ARG B 315 -0.40 -3.74 -7.79
CA ARG B 315 -0.93 -3.37 -6.49
C ARG B 315 -2.45 -3.28 -6.70
N PRO B 316 -3.23 -3.91 -5.80
CA PRO B 316 -4.69 -3.82 -5.96
C PRO B 316 -5.13 -2.35 -5.90
N SER B 317 -6.15 -1.99 -6.66
CA SER B 317 -6.60 -0.59 -6.70
C SER B 317 -7.48 -0.31 -5.48
N GLY B 318 -7.52 0.95 -5.05
CA GLY B 318 -8.45 1.32 -4.00
C GLY B 318 -7.89 2.08 -2.80
N MET B 319 -6.65 2.57 -2.90
CA MET B 319 -6.16 3.46 -1.85
C MET B 319 -5.48 4.70 -2.44
N PHE B 320 -5.53 5.82 -1.72
CA PHE B 320 -4.81 7.02 -2.12
C PHE B 320 -4.11 7.69 -0.94
N ASP B 321 -3.19 8.59 -1.24
CA ASP B 321 -2.28 9.15 -0.25
C ASP B 321 -2.89 10.34 0.51
N SER B 322 -2.33 10.67 1.67
CA SER B 322 -2.77 11.82 2.45
C SER B 322 -2.42 13.13 1.77
N SER B 323 -1.42 13.12 0.88
CA SER B 323 -1.10 14.33 0.11
C SER B 323 -2.29 14.76 -0.76
N VAL B 324 -3.10 13.81 -1.20
CA VAL B 324 -4.32 14.14 -1.93
C VAL B 324 -5.33 14.92 -1.08
N LEU B 325 -5.38 14.62 0.22
CA LEU B 325 -6.25 15.34 1.14
C LEU B 325 -5.77 16.76 1.27
N CYS B 326 -4.46 16.89 1.52
CA CYS B 326 -3.81 18.20 1.54
C CYS B 326 -4.15 19.00 0.29
N GLU B 327 -4.05 18.37 -0.88
CA GLU B 327 -4.46 18.99 -2.15
C GLU B 327 -5.90 19.51 -2.14
N CYS B 328 -6.81 18.73 -1.58
CA CYS B 328 -8.22 19.11 -1.54
C CYS B 328 -8.43 20.41 -0.76
N TYR B 329 -7.74 20.55 0.37
CA TYR B 329 -7.89 21.78 1.16
C TYR B 329 -7.20 22.94 0.45
N ASP B 330 -6.04 22.66 -0.13
CA ASP B 330 -5.31 23.68 -0.88
C ASP B 330 -6.23 24.22 -1.94
N ALA B 331 -6.84 23.30 -2.68
CA ALA B 331 -7.72 23.67 -3.76
C ALA B 331 -8.97 24.34 -3.25
N GLY B 332 -9.49 23.86 -2.12
CA GLY B 332 -10.62 24.51 -1.47
C GLY B 332 -10.35 25.97 -1.18
N CYS B 333 -9.15 26.26 -0.66
CA CYS B 333 -8.78 27.64 -0.32
C CYS B 333 -8.40 28.50 -1.55
N ALA B 334 -7.72 27.90 -2.51
CA ALA B 334 -7.23 28.70 -3.64
C ALA B 334 -8.31 28.91 -4.70
N TRP B 335 -9.11 27.89 -4.96
CA TRP B 335 -10.01 27.88 -6.12
C TRP B 335 -11.50 28.00 -5.83
N TYR B 336 -11.97 27.40 -4.75
CA TYR B 336 -13.42 27.21 -4.60
C TYR B 336 -13.98 28.00 -3.44
N GLU B 337 -13.15 28.83 -2.84
CA GLU B 337 -13.61 29.69 -1.74
C GLU B 337 -14.27 28.84 -0.68
N LEU B 338 -13.61 27.75 -0.31
CA LEU B 338 -14.12 26.91 0.76
C LEU B 338 -13.26 27.11 1.99
N MET B 339 -13.92 27.52 3.08
CA MET B 339 -13.31 27.43 4.40
C MET B 339 -12.92 25.97 4.61
N PRO B 340 -11.81 25.73 5.32
CA PRO B 340 -11.37 24.37 5.66
C PRO B 340 -12.47 23.48 6.27
N ALA B 341 -13.37 24.04 7.07
CA ALA B 341 -14.43 23.22 7.67
C ALA B 341 -15.46 22.79 6.61
N GLU B 342 -15.69 23.62 5.60
CA GLU B 342 -16.53 23.21 4.47
C GLU B 342 -15.85 22.07 3.68
N THR B 343 -14.55 22.15 3.49
CA THR B 343 -13.81 21.07 2.80
C THR B 343 -13.91 19.76 3.60
N THR B 344 -13.66 19.85 4.91
CA THR B 344 -13.82 18.71 5.82
C THR B 344 -15.18 18.02 5.70
N VAL B 345 -16.25 18.81 5.78
CA VAL B 345 -17.62 18.31 5.60
C VAL B 345 -17.77 17.49 4.32
N ARG B 346 -17.24 17.98 3.21
CA ARG B 346 -17.32 17.24 1.95
C ARG B 346 -16.47 15.98 1.95
N LEU B 347 -15.27 16.06 2.53
CA LEU B 347 -14.36 14.91 2.49
C LEU B 347 -14.84 13.86 3.48
N ARG B 348 -15.47 14.32 4.56
CA ARG B 348 -16.00 13.38 5.56
C ARG B 348 -17.12 12.53 4.95
N ALA B 349 -17.98 13.16 4.16
CA ALA B 349 -19.04 12.46 3.45
C ALA B 349 -18.47 11.38 2.52
N TYR B 350 -17.37 11.72 1.83
CA TYR B 350 -16.70 10.75 1.00
C TYR B 350 -16.25 9.56 1.84
N MET B 351 -15.45 9.83 2.86
CA MET B 351 -14.93 8.78 3.73
C MET B 351 -16.00 7.94 4.48
N ASN B 352 -17.20 8.46 4.69
CA ASN B 352 -18.28 7.66 5.31
C ASN B 352 -19.01 6.79 4.30
N THR B 353 -18.70 6.96 3.01
CA THR B 353 -19.41 6.25 1.97
C THR B 353 -18.68 4.98 1.53
N PRO B 354 -19.34 3.82 1.67
CA PRO B 354 -18.70 2.55 1.34
C PRO B 354 -18.47 2.37 -0.16
N GLY B 355 -17.47 1.56 -0.53
CA GLY B 355 -17.23 1.24 -1.93
C GLY B 355 -16.32 2.21 -2.68
N LEU B 356 -15.74 3.16 -1.93
CA LEU B 356 -14.82 4.14 -2.49
C LEU B 356 -13.39 3.89 -2.01
N PRO B 357 -12.38 4.37 -2.77
CA PRO B 357 -10.97 4.27 -2.36
C PRO B 357 -10.74 4.87 -0.98
N VAL B 358 -9.88 4.23 -0.19
CA VAL B 358 -9.66 4.69 1.18
C VAL B 358 -8.35 5.42 1.36
N CYS B 359 -8.25 6.13 2.47
N CYS B 359 -8.25 6.13 2.47
CA CYS B 359 -7.06 6.89 2.79
CA CYS B 359 -7.08 6.94 2.78
C CYS B 359 -6.94 7.02 4.29
C CYS B 359 -6.96 7.08 4.29
N GLN B 360 -5.78 7.48 4.76
CA GLN B 360 -5.60 7.77 6.17
C GLN B 360 -6.58 8.88 6.57
N ASP B 361 -7.12 8.82 7.78
CA ASP B 361 -8.05 9.86 8.25
C ASP B 361 -7.30 11.05 8.80
N HIS B 362 -6.89 11.97 7.93
CA HIS B 362 -6.10 13.13 8.37
C HIS B 362 -6.87 14.41 8.19
N LEU B 363 -8.19 14.28 8.09
CA LEU B 363 -9.07 15.45 7.97
C LEU B 363 -8.82 16.51 9.04
N GLU B 364 -8.81 16.12 10.30
CA GLU B 364 -8.60 17.12 11.36
C GLU B 364 -7.20 17.72 11.27
N PHE B 365 -6.20 16.89 11.01
CA PHE B 365 -4.86 17.44 10.80
C PHE B 365 -4.83 18.50 9.69
N TRP B 366 -5.31 18.17 8.50
CA TRP B 366 -5.14 19.10 7.38
C TRP B 366 -6.02 20.33 7.58
N GLU B 367 -7.21 20.12 8.13
CA GLU B 367 -8.09 21.24 8.41
C GLU B 367 -7.39 22.20 9.39
N GLY B 368 -6.74 21.64 10.41
CA GLY B 368 -5.97 22.45 11.34
C GLY B 368 -4.81 23.24 10.77
N VAL B 369 -4.04 22.67 9.85
CA VAL B 369 -2.92 23.47 9.34
C VAL B 369 -3.38 24.60 8.42
N PHE B 370 -4.39 24.34 7.58
CA PHE B 370 -4.88 25.39 6.71
C PHE B 370 -5.61 26.49 7.49
N THR B 371 -6.26 26.13 8.59
CA THR B 371 -6.86 27.15 9.46
C THR B 371 -5.81 28.12 10.01
N GLY B 372 -4.65 27.62 10.38
CA GLY B 372 -3.59 28.50 10.82
C GLY B 372 -2.96 29.37 9.72
N LEU B 373 -3.21 29.08 8.46
CA LEU B 373 -2.47 29.79 7.41
C LEU B 373 -3.18 31.09 7.05
N THR B 374 -3.02 32.08 7.90
CA THR B 374 -3.85 33.28 7.77
C THR B 374 -3.12 34.40 7.05
N HIS B 375 -3.89 35.32 6.50
CA HIS B 375 -3.30 36.50 5.86
C HIS B 375 -2.37 36.16 4.71
N ILE B 376 -2.75 35.23 3.85
CA ILE B 376 -1.90 34.96 2.70
C ILE B 376 -1.84 36.20 1.80
N ASP B 377 -0.70 36.44 1.16
CA ASP B 377 -0.58 37.53 0.20
C ASP B 377 -1.42 37.21 -1.06
N ALA B 378 -2.40 38.04 -1.35
CA ALA B 378 -3.30 37.75 -2.47
C ALA B 378 -2.58 37.77 -3.84
N HIS B 379 -1.60 38.65 -4.01
CA HIS B 379 -0.96 38.82 -5.29
C HIS B 379 -0.07 37.58 -5.55
N PHE B 380 0.58 37.07 -4.50
CA PHE B 380 1.32 35.82 -4.58
C PHE B 380 0.43 34.61 -4.96
N LEU B 381 -0.73 34.50 -4.31
CA LEU B 381 -1.68 33.42 -4.58
C LEU B 381 -2.14 33.40 -6.04
N SER B 382 -2.51 34.58 -6.54
CA SER B 382 -2.80 34.80 -7.97
C SER B 382 -1.71 34.21 -8.84
N GLN B 383 -0.46 34.51 -8.48
CA GLN B 383 0.67 34.06 -9.30
C GLN B 383 0.83 32.54 -9.28
N THR B 384 0.72 31.91 -8.11
CA THR B 384 0.95 30.48 -8.07
C THR B 384 -0.25 29.74 -8.67
N LYS B 385 -1.43 30.35 -8.60
CA LYS B 385 -2.61 29.82 -9.29
C LYS B 385 -2.41 29.83 -10.82
N GLN B 386 -1.88 30.92 -11.39
CA GLN B 386 -1.66 30.98 -12.85
C GLN B 386 -0.57 30.03 -13.36
N SER B 387 0.50 29.87 -12.59
CA SER B 387 1.61 29.02 -13.01
C SER B 387 1.31 27.52 -13.02
N GLY B 388 0.23 27.10 -12.36
CA GLY B 388 -0.08 25.68 -12.32
C GLY B 388 0.75 24.84 -11.35
N GLU B 389 1.29 25.47 -10.31
CA GLU B 389 1.80 24.77 -9.12
C GLU B 389 0.80 23.75 -8.60
N ASN B 390 1.30 22.64 -8.06
CA ASN B 390 0.44 21.61 -7.46
C ASN B 390 -0.27 22.02 -6.16
N PHE B 391 0.40 22.87 -5.39
CA PHE B 391 -0.13 23.35 -4.12
C PHE B 391 -0.03 24.84 -4.10
N PRO B 392 -0.82 25.51 -4.93
CA PRO B 392 -0.66 26.96 -5.04
C PRO B 392 -0.84 27.67 -3.70
N TYR B 393 -1.78 27.20 -2.85
CA TYR B 393 -1.95 27.89 -1.59
C TYR B 393 -0.72 27.73 -0.71
N LEU B 394 -0.14 26.52 -0.67
CA LEU B 394 1.03 26.27 0.17
C LEU B 394 2.28 27.03 -0.29
N VAL B 395 2.48 27.11 -1.62
CA VAL B 395 3.61 27.86 -2.21
C VAL B 395 3.48 29.38 -1.91
N ALA B 396 2.34 29.94 -2.28
CA ALA B 396 2.07 31.35 -2.02
C ALA B 396 2.19 31.68 -0.53
N TYR B 397 1.75 30.77 0.34
CA TYR B 397 1.82 31.06 1.76
C TYR B 397 3.26 31.08 2.25
N GLN B 398 4.07 30.14 1.79
CA GLN B 398 5.48 30.14 2.13
C GLN B 398 6.12 31.43 1.61
N ALA B 399 5.74 31.86 0.41
CA ALA B 399 6.28 33.09 -0.15
C ALA B 399 5.83 34.28 0.66
N THR B 400 4.60 34.25 1.12
CA THR B 400 4.09 35.32 1.99
C THR B 400 4.89 35.43 3.29
N VAL B 401 5.30 34.29 3.83
CA VAL B 401 6.07 34.28 5.07
C VAL B 401 7.50 34.78 4.82
N CYS B 402 8.03 34.44 3.65
CA CYS B 402 9.35 34.94 3.23
C CYS B 402 9.37 36.45 3.00
N ALA B 403 8.43 36.95 2.21
CA ALA B 403 8.35 38.38 1.94
C ALA B 403 8.19 39.25 3.20
N ARG B 404 7.49 38.74 4.22
CA ARG B 404 7.24 39.51 5.44
C ARG B 404 8.44 39.52 6.36
N ALA B 405 9.17 38.40 6.40
CA ALA B 405 10.40 38.32 7.18
C ALA B 405 11.52 38.88 6.34
N GLN B 406 11.16 39.40 5.18
CA GLN B 406 12.08 39.77 4.12
C GLN B 406 13.23 38.76 4.03
N ALA B 407 12.83 37.49 3.91
CA ALA B 407 13.74 36.36 3.79
C ALA B 407 13.58 35.70 2.44
N PRO B 408 14.64 35.04 1.94
CA PRO B 408 14.56 34.41 0.62
C PRO B 408 13.75 33.10 0.65
N PRO B 409 13.29 32.63 -0.53
CA PRO B 409 12.61 31.34 -0.70
C PRO B 409 13.53 30.18 -0.30
N PRO B 410 13.00 28.95 -0.14
CA PRO B 410 13.87 27.80 0.14
C PRO B 410 14.88 27.51 -0.98
N SER B 411 14.58 28.01 -2.17
CA SER B 411 15.45 27.87 -3.34
C SER B 411 15.00 28.89 -4.38
N TRP B 412 15.67 28.91 -5.53
CA TRP B 412 15.25 29.81 -6.61
C TRP B 412 14.77 29.01 -7.81
N ASP B 413 14.33 27.78 -7.55
CA ASP B 413 13.54 27.01 -8.51
C ASP B 413 12.28 27.79 -8.95
N GLN B 414 11.77 27.44 -10.13
CA GLN B 414 10.64 28.17 -10.76
C GLN B 414 9.40 28.37 -9.85
N MET B 415 9.17 27.41 -8.96
CA MET B 415 8.11 27.48 -7.95
C MET B 415 8.06 28.81 -7.18
N TRP B 416 9.23 29.39 -6.93
CA TRP B 416 9.33 30.55 -6.05
C TRP B 416 9.40 31.88 -6.79
N LYS B 417 9.03 31.89 -8.06
CA LYS B 417 9.24 33.10 -8.87
C LYS B 417 8.32 34.29 -8.57
N CYS B 418 7.31 34.12 -7.69
CA CYS B 418 6.50 35.28 -7.31
C CYS B 418 7.34 36.27 -6.51
N LEU B 419 8.36 35.76 -5.84
CA LEU B 419 9.24 36.60 -5.04
C LEU B 419 10.36 37.29 -5.84
N ILE B 420 10.43 36.99 -7.14
CA ILE B 420 11.61 37.25 -7.95
C ILE B 420 12.16 38.69 -7.85
N ARG B 421 11.33 39.65 -7.44
CA ARG B 421 11.85 40.94 -7.00
C ARG B 421 12.66 40.72 -5.70
N LEU B 422 13.83 40.12 -5.94
CA LEU B 422 14.69 39.39 -4.99
C LEU B 422 15.55 40.22 -4.06
N LYS B 423 16.19 41.24 -4.62
CA LYS B 423 17.26 41.98 -3.96
C LYS B 423 17.02 42.35 -2.47
N PRO B 424 15.83 42.89 -2.14
CA PRO B 424 15.67 43.26 -0.72
C PRO B 424 15.55 42.06 0.22
N THR B 425 15.29 40.88 -0.34
CA THR B 425 14.74 39.81 0.49
C THR B 425 15.77 38.76 0.88
N LEU B 426 16.85 38.57 0.11
CA LEU B 426 17.78 37.46 0.38
C LEU B 426 18.38 37.52 1.81
N HIS B 427 18.01 38.57 2.52
CA HIS B 427 18.36 38.78 3.92
C HIS B 427 18.15 37.52 4.78
N GLY B 428 19.08 36.58 4.67
CA GLY B 428 19.25 35.53 5.66
C GLY B 428 18.56 34.20 5.43
N PRO B 429 18.27 33.49 6.53
CA PRO B 429 17.70 32.15 6.53
C PRO B 429 16.25 32.13 6.03
N THR B 430 15.80 30.98 5.53
CA THR B 430 14.43 30.82 5.12
C THR B 430 13.56 30.38 6.31
N PRO B 431 12.44 31.09 6.55
CA PRO B 431 11.52 30.61 7.59
C PRO B 431 10.74 29.45 7.00
N LEU B 432 11.24 28.24 7.22
CA LEU B 432 10.74 27.05 6.53
C LEU B 432 9.56 26.41 7.26
N LEU B 433 8.42 26.37 6.56
CA LEU B 433 7.14 25.90 7.12
C LEU B 433 6.90 24.41 6.88
N TYR B 434 7.43 23.96 5.74
CA TYR B 434 7.24 22.61 5.20
C TYR B 434 8.12 22.49 3.96
N ARG B 435 8.28 21.28 3.42
CA ARG B 435 9.13 21.15 2.23
C ARG B 435 8.31 20.69 1.04
N LEU B 436 8.26 21.56 0.02
CA LEU B 436 7.52 21.31 -1.20
C LEU B 436 8.51 20.97 -2.34
N GLY B 437 9.79 20.93 -1.99
CA GLY B 437 10.83 20.66 -2.96
C GLY B 437 12.16 20.62 -2.24
N ALA B 438 13.24 20.60 -3.01
CA ALA B 438 14.57 20.59 -2.43
C ALA B 438 14.89 21.95 -1.86
N VAL B 439 15.56 21.98 -0.73
CA VAL B 439 15.81 23.23 -0.01
C VAL B 439 17.29 23.63 -0.08
N GLN B 440 17.56 24.76 -0.72
CA GLN B 440 18.94 25.18 -0.97
C GLN B 440 19.43 26.20 0.05
N ASN B 441 18.55 27.10 0.48
CA ASN B 441 18.94 28.13 1.43
C ASN B 441 19.09 27.59 2.84
N GLU B 442 19.88 28.29 3.65
CA GLU B 442 19.89 28.10 5.09
C GLU B 442 18.48 28.28 5.66
N VAL B 443 18.08 27.39 6.57
CA VAL B 443 16.73 27.48 7.12
C VAL B 443 16.71 27.91 8.57
N THR B 444 15.60 28.51 8.99
CA THR B 444 15.29 28.66 10.41
C THR B 444 13.94 28.04 10.75
N LEU B 445 13.87 27.34 11.87
CA LEU B 445 12.69 26.55 12.23
C LEU B 445 11.88 27.17 13.37
N THR B 446 11.90 28.49 13.52
CA THR B 446 11.26 29.08 14.68
C THR B 446 10.10 30.01 14.35
N HIS B 447 9.69 30.06 13.09
CA HIS B 447 8.51 30.85 12.74
C HIS B 447 7.33 30.31 13.55
N PRO B 448 6.44 31.20 13.99
CA PRO B 448 5.32 30.66 14.81
C PRO B 448 4.46 29.68 14.02
N ILE B 449 4.40 29.84 12.70
CA ILE B 449 3.53 29.01 11.86
C ILE B 449 4.11 27.60 11.73
N THR B 450 5.44 27.52 11.64
CA THR B 450 6.13 26.23 11.75
C THR B 450 5.79 25.52 13.05
N LYS B 451 5.88 26.26 14.17
CA LYS B 451 5.55 25.70 15.48
C LYS B 451 4.10 25.24 15.56
N TYR B 452 3.21 26.06 15.02
CA TYR B 452 1.80 25.74 14.92
C TYR B 452 1.56 24.39 14.19
N ILE B 453 2.14 24.24 13.00
CA ILE B 453 1.98 23.00 12.22
C ILE B 453 2.55 21.80 12.95
N MET B 454 3.71 21.98 13.56
CA MET B 454 4.30 20.92 14.42
C MET B 454 3.33 20.48 15.53
N THR B 455 2.62 21.44 16.11
CA THR B 455 1.69 21.12 17.18
C THR B 455 0.48 20.38 16.63
N CYS B 456 0.02 20.78 15.45
CA CYS B 456 -1.05 20.01 14.76
C CYS B 456 -0.63 18.56 14.53
N MET B 457 0.61 18.38 14.09
CA MET B 457 1.18 17.05 13.87
C MET B 457 1.18 16.23 15.16
N SER B 458 1.68 16.80 16.25
CA SER B 458 1.65 16.14 17.58
C SER B 458 0.25 15.71 17.98
N ALA B 459 -0.70 16.63 17.81
CA ALA B 459 -2.03 16.49 18.38
C ALA B 459 -3.06 15.78 17.49
N ASP B 460 -2.88 15.89 16.19
CA ASP B 460 -3.88 15.34 15.29
C ASP B 460 -3.39 14.05 14.60
N LEU B 461 -2.06 13.84 14.56
CA LEU B 461 -1.48 12.60 14.00
C LEU B 461 -0.96 11.64 15.09
N GLU B 462 -1.57 10.46 15.15
CA GLU B 462 -1.14 9.39 16.07
C GLU B 462 0.25 8.88 15.71
#